data_6XN0
#
_entry.id   6XN0
#
_cell.length_a   64.557
_cell.length_b   165.914
_cell.length_c   158.709
_cell.angle_alpha   90.000
_cell.angle_beta   90.000
_cell.angle_gamma   90.000
#
_symmetry.space_group_name_H-M   'C 2 2 21'
#
loop_
_entity.id
_entity.type
_entity.pdbx_description
1 polymer Xylosidase
2 non-polymer 'CALCIUM ION'
3 non-polymer GLYCEROL
4 non-polymer DI(HYDROXYETHYL)ETHER
5 water water
#
_entity_poly.entity_id   1
_entity_poly.type   'polypeptide(L)'
_entity_poly.pdbx_seq_one_letter_code
;MGSSHHHHHHSSGLVPRGSHMSDELQAASLQALARTAISAPLVTHLYTADPSAHVFDGALYIYPSHDLDAGVAFSDDGSH
FDMADYHVLRMAHPGAAVEDLGQVLHVRDVPWAQRQMWAPDAAQRNGKTYLYFPAKRADGMFQIGVAVGDRPEGPFVAEP
QPIAGTYSIDPAVLADDDGAHYLYFGGIWGGQLQHYRDNAYAQTHQEPVGDAPALGPRVARLHERMIDLAEPSREVVILD
EHGTPLRADDHARRFFEGPWVHQHAGRYYLSYSTGDTHRICYATSDSPYGPFTYQGVLLAPVVGWTTHHSICLFQQQWYL
FYHDSVLSGGQTHLRSIKMAPLAHAADGTIATIYPYGEDAVSPW
;
_entity_poly.pdbx_strand_id   A,B
#
# COMPACT_ATOMS: atom_id res chain seq x y z
N LEU A 30 -9.27 -19.51 -6.68
CA LEU A 30 -8.21 -18.53 -6.47
C LEU A 30 -8.68 -17.24 -5.76
N GLN A 31 -9.85 -17.26 -5.13
CA GLN A 31 -10.35 -16.06 -4.42
C GLN A 31 -9.50 -15.67 -3.19
N ALA A 32 -8.71 -16.63 -2.70
CA ALA A 32 -7.74 -16.36 -1.66
C ALA A 32 -6.72 -15.28 -2.05
N LEU A 33 -6.41 -15.19 -3.34
CA LEU A 33 -5.36 -14.30 -3.79
C LEU A 33 -5.74 -12.84 -3.60
N ALA A 34 -7.01 -12.50 -3.79
CA ALA A 34 -7.46 -11.14 -3.52
C ALA A 34 -7.23 -10.78 -2.05
N ARG A 35 -7.35 -11.78 -1.18
CA ARG A 35 -7.26 -11.55 0.27
C ARG A 35 -5.82 -11.37 0.79
N THR A 36 -4.87 -12.03 0.14
CA THR A 36 -3.47 -11.95 0.59
C THR A 36 -2.55 -11.15 -0.35
N ALA A 37 -3.13 -10.45 -1.31
CA ALA A 37 -2.38 -9.55 -2.17
C ALA A 37 -1.50 -8.62 -1.32
N ILE A 38 -0.24 -8.43 -1.73
CA ILE A 38 0.65 -7.56 -0.97
C ILE A 38 0.45 -6.08 -1.32
N SER A 39 -0.26 -5.83 -2.42
CA SER A 39 -0.52 -4.48 -2.87
C SER A 39 -1.97 -4.30 -3.25
N ALA A 40 -2.51 -3.12 -2.95
CA ALA A 40 -3.83 -2.75 -3.44
C ALA A 40 -3.71 -2.10 -4.80
N PRO A 41 -4.79 -2.11 -5.59
CA PRO A 41 -4.78 -1.31 -6.82
C PRO A 41 -4.48 0.16 -6.52
N LEU A 42 -3.59 0.76 -7.30
CA LEU A 42 -3.24 2.15 -7.11
C LEU A 42 -4.41 3.06 -7.43
N VAL A 43 -5.21 2.68 -8.44
CA VAL A 43 -6.46 3.37 -8.74
C VAL A 43 -7.51 2.32 -9.09
N THR A 44 -8.78 2.61 -8.78
CA THR A 44 -9.83 1.66 -9.11
C THR A 44 -10.92 2.23 -9.99
N HIS A 45 -10.85 3.51 -10.34
CA HIS A 45 -11.92 4.12 -11.12
C HIS A 45 -11.71 3.89 -12.61
N LEU A 46 -10.57 3.34 -12.98
CA LEU A 46 -10.36 2.91 -14.36
C LEU A 46 -9.40 1.73 -14.32
N TYR A 47 -9.34 0.94 -15.39
CA TYR A 47 -8.41 -0.17 -15.42
C TYR A 47 -7.09 0.29 -16.04
N THR A 48 -5.97 -0.13 -15.45
CA THR A 48 -4.65 0.36 -15.83
C THR A 48 -3.71 -0.85 -15.89
N ALA A 49 -2.68 -0.73 -16.71
CA ALA A 49 -1.76 -1.85 -16.93
C ALA A 49 -0.37 -1.32 -17.28
N ASP A 50 0.64 -2.20 -17.35
CA ASP A 50 1.93 -1.84 -17.93
C ASP A 50 2.56 -0.54 -17.39
N PRO A 51 2.66 -0.43 -16.04
CA PRO A 51 3.06 0.84 -15.41
C PRO A 51 4.52 1.20 -15.70
N SER A 52 4.77 2.39 -16.28
CA SER A 52 6.12 2.95 -16.35
C SER A 52 6.27 4.11 -15.38
N ALA A 53 7.02 3.90 -14.31
CA ALA A 53 7.17 4.93 -13.26
C ALA A 53 8.47 5.70 -13.40
N HIS A 54 8.36 7.02 -13.23
CA HIS A 54 9.52 7.91 -13.32
C HIS A 54 9.42 8.98 -12.26
N VAL A 55 10.54 9.43 -11.75
CA VAL A 55 10.52 10.63 -10.94
C VAL A 55 10.90 11.79 -11.84
N PHE A 56 9.91 12.65 -12.08
CA PHE A 56 10.06 13.86 -12.91
C PHE A 56 9.67 15.05 -12.05
N ASP A 57 10.48 16.11 -12.04
CA ASP A 57 10.03 17.37 -11.42
C ASP A 57 9.56 17.15 -9.98
N GLY A 58 10.34 16.37 -9.24
CA GLY A 58 10.10 16.13 -7.83
C GLY A 58 8.90 15.27 -7.44
N ALA A 59 8.29 14.58 -8.39
CA ALA A 59 7.19 13.70 -8.03
C ALA A 59 7.25 12.41 -8.82
N LEU A 60 6.49 11.42 -8.38
CA LEU A 60 6.42 10.14 -9.07
C LEU A 60 5.32 10.24 -10.12
N TYR A 61 5.70 10.07 -11.38
CA TYR A 61 4.70 10.06 -12.47
C TYR A 61 4.62 8.63 -13.02
N ILE A 62 3.42 8.16 -13.29
CA ILE A 62 3.26 6.78 -13.82
C ILE A 62 2.56 6.88 -15.17
N TYR A 63 3.11 6.17 -16.14
CA TYR A 63 2.57 6.15 -17.47
C TYR A 63 2.16 4.73 -17.78
N PRO A 64 0.86 4.42 -17.58
CA PRO A 64 0.36 3.08 -17.83
C PRO A 64 -0.54 3.02 -19.04
N SER A 65 -0.84 1.82 -19.49
CA SER A 65 -1.92 1.59 -20.44
C SER A 65 -3.26 1.77 -19.74
N HIS A 66 -4.30 1.97 -20.54
CA HIS A 66 -5.65 2.16 -20.01
C HIS A 66 -6.55 1.10 -20.65
N ASP A 67 -6.91 0.08 -19.88
CA ASP A 67 -7.77 -1.01 -20.36
C ASP A 67 -9.23 -0.55 -20.44
N LEU A 68 -9.88 -0.81 -21.56
CA LEU A 68 -11.28 -0.40 -21.74
C LEU A 68 -12.23 -1.56 -21.54
N ASP A 69 -13.36 -1.31 -20.90
CA ASP A 69 -14.31 -2.40 -20.68
C ASP A 69 -15.42 -2.39 -21.73
N HIS A 80 -9.99 -8.83 -24.89
CA HIS A 80 -9.51 -8.01 -26.00
C HIS A 80 -8.71 -6.77 -25.55
N PHE A 81 -7.50 -6.64 -26.10
CA PHE A 81 -6.56 -5.55 -25.82
C PHE A 81 -6.70 -4.41 -26.83
N ASP A 82 -7.80 -3.68 -26.73
CA ASP A 82 -8.14 -2.65 -27.69
C ASP A 82 -8.01 -1.25 -27.10
N MET A 83 -6.97 -1.05 -26.31
CA MET A 83 -6.76 0.24 -25.66
C MET A 83 -6.54 1.36 -26.69
N ALA A 84 -6.95 2.57 -26.32
CA ALA A 84 -7.04 3.67 -27.29
C ALA A 84 -6.41 4.95 -26.78
N ASP A 85 -6.08 5.00 -25.49
CA ASP A 85 -5.63 6.26 -24.90
C ASP A 85 -4.71 6.04 -23.69
N TYR A 86 -4.02 7.11 -23.30
CA TYR A 86 -3.19 7.06 -22.10
C TYR A 86 -3.61 8.13 -21.09
N HIS A 87 -3.61 7.75 -19.81
CA HIS A 87 -3.65 8.70 -18.71
C HIS A 87 -2.27 8.84 -18.12
N VAL A 88 -2.07 9.87 -17.32
CA VAL A 88 -0.86 9.97 -16.50
C VAL A 88 -1.34 10.03 -15.05
N LEU A 89 -0.65 9.30 -14.18
CA LEU A 89 -0.95 9.30 -12.76
C LEU A 89 0.20 9.91 -12.01
N ARG A 90 -0.07 10.46 -10.83
CA ARG A 90 1.01 11.07 -10.07
C ARG A 90 0.88 10.73 -8.57
N MET A 91 2.01 10.48 -7.92
CA MET A 91 2.12 10.45 -6.46
C MET A 91 3.08 11.55 -6.06
N ALA A 92 2.57 12.51 -5.30
CA ALA A 92 3.31 13.72 -4.93
C ALA A 92 4.57 13.40 -4.16
N HIS A 93 4.48 12.40 -3.30
CA HIS A 93 5.53 12.06 -2.37
C HIS A 93 5.29 10.60 -1.97
N PRO A 94 6.23 9.80 -1.28
CA PRO A 94 6.23 8.22 -0.67
C PRO A 94 4.94 8.29 0.17
N GLY A 95 4.01 7.39 -0.11
CA GLY A 95 2.81 7.16 0.68
C GLY A 95 1.57 7.93 0.24
N ALA A 96 1.72 8.81 -0.73
CA ALA A 96 0.65 9.72 -1.10
C ALA A 96 -0.50 9.03 -1.85
N ALA A 97 -1.67 9.63 -1.81
CA ALA A 97 -2.77 9.16 -2.64
C ALA A 97 -2.40 9.35 -4.12
N VAL A 98 -2.88 8.49 -5.00
CA VAL A 98 -2.54 8.56 -6.43
C VAL A 98 -3.54 9.45 -7.17
N GLU A 99 -3.01 10.44 -7.89
CA GLU A 99 -3.83 11.36 -8.67
C GLU A 99 -3.96 10.89 -10.11
N ASP A 100 -5.17 10.90 -10.66
CA ASP A 100 -5.37 10.68 -12.07
C ASP A 100 -5.34 12.05 -12.73
N LEU A 101 -4.29 12.35 -13.50
CA LEU A 101 -4.19 13.66 -14.15
C LEU A 101 -4.99 13.69 -15.46
N GLY A 102 -5.70 12.61 -15.73
CA GLY A 102 -6.56 12.56 -16.90
C GLY A 102 -5.90 12.05 -18.17
N GLN A 103 -6.67 12.04 -19.24
CA GLN A 103 -6.23 11.51 -20.53
C GLN A 103 -5.29 12.48 -21.22
N VAL A 104 -4.17 11.97 -21.72
CA VAL A 104 -3.14 12.87 -22.24
C VAL A 104 -2.83 12.58 -23.72
N LEU A 105 -3.37 11.49 -24.24
CA LEU A 105 -3.17 11.15 -25.64
C LEU A 105 -4.16 10.09 -26.04
N HIS A 106 -4.74 10.25 -27.22
CA HIS A 106 -5.70 9.32 -27.76
C HIS A 106 -5.25 8.95 -29.18
N VAL A 107 -5.52 7.70 -29.58
CA VAL A 107 -5.07 7.20 -30.89
C VAL A 107 -5.65 8.02 -32.06
N ARG A 108 -6.78 8.68 -31.85
CA ARG A 108 -7.36 9.51 -32.93
C ARG A 108 -6.48 10.73 -33.25
N ASP A 109 -5.56 11.07 -32.36
CA ASP A 109 -4.64 12.16 -32.56
C ASP A 109 -3.27 11.70 -32.99
N VAL A 110 -3.19 10.40 -33.30
CA VAL A 110 -1.94 9.78 -33.76
C VAL A 110 -2.19 9.36 -35.23
N PRO A 111 -1.75 10.22 -36.16
CA PRO A 111 -2.09 10.05 -37.58
C PRO A 111 -1.67 8.68 -38.12
N TRP A 112 -0.51 8.19 -37.69
CA TRP A 112 0.03 6.95 -38.27
C TRP A 112 -0.57 5.68 -37.66
N ALA A 113 -1.25 5.79 -36.53
CA ALA A 113 -1.76 4.59 -35.84
C ALA A 113 -3.28 4.43 -35.87
N GLN A 114 -3.74 3.18 -35.96
CA GLN A 114 -5.18 2.93 -36.04
C GLN A 114 -5.71 2.45 -34.71
N ARG A 115 -4.94 1.63 -34.00
CA ARG A 115 -5.50 0.94 -32.85
C ARG A 115 -4.40 0.41 -31.93
N GLN A 116 -4.83 -0.06 -30.75
CA GLN A 116 -4.00 -0.79 -29.80
C GLN A 116 -2.83 0.02 -29.29
N MET A 117 -3.16 0.91 -28.37
CA MET A 117 -2.18 1.77 -27.74
C MET A 117 -1.69 1.01 -26.53
N TRP A 118 -0.56 0.32 -26.68
CA TRP A 118 -0.10 -0.61 -25.65
C TRP A 118 0.94 0.01 -24.72
N ALA A 119 1.65 -0.84 -23.98
CA ALA A 119 2.55 -0.39 -22.88
C ALA A 119 3.47 0.77 -23.21
N PRO A 120 3.23 1.94 -22.58
CA PRO A 120 4.01 3.11 -22.94
C PRO A 120 5.17 3.42 -22.00
N ASP A 121 5.93 4.47 -22.29
CA ASP A 121 6.95 4.94 -21.35
C ASP A 121 7.16 6.42 -21.58
N ALA A 122 7.99 7.02 -20.74
CA ALA A 122 8.24 8.45 -20.86
C ALA A 122 9.69 8.80 -20.60
N ALA A 123 10.10 9.96 -21.10
CA ALA A 123 11.45 10.43 -20.84
C ALA A 123 11.43 11.94 -20.81
N GLN A 124 12.44 12.53 -20.19
CA GLN A 124 12.59 13.99 -20.20
C GLN A 124 13.95 14.43 -20.74
N ARG A 125 13.95 15.53 -21.48
CA ARG A 125 15.20 16.13 -21.94
C ARG A 125 14.93 17.54 -22.44
N ASN A 126 15.83 18.49 -22.15
CA ASN A 126 15.67 19.89 -22.58
C ASN A 126 14.37 20.54 -22.16
N GLY A 127 13.87 20.14 -20.99
CA GLY A 127 12.63 20.69 -20.47
C GLY A 127 11.39 20.16 -21.14
N LYS A 128 11.52 19.22 -22.08
CA LYS A 128 10.37 18.57 -22.70
C LYS A 128 10.17 17.21 -22.06
N THR A 129 8.93 16.74 -22.11
CA THR A 129 8.61 15.37 -21.71
C THR A 129 8.14 14.61 -22.94
N TYR A 130 8.70 13.42 -23.13
CA TYR A 130 8.38 12.62 -24.30
C TYR A 130 7.63 11.39 -23.85
N LEU A 131 6.52 11.10 -24.55
CA LEU A 131 5.70 9.92 -24.29
C LEU A 131 5.93 8.95 -25.44
N TYR A 132 6.57 7.83 -25.16
CA TYR A 132 6.83 6.77 -26.15
C TYR A 132 5.77 5.69 -26.05
N PHE A 133 5.23 5.24 -27.17
CA PHE A 133 4.12 4.31 -27.12
C PHE A 133 4.10 3.44 -28.34
N PRO A 134 3.77 2.16 -28.14
CA PRO A 134 3.59 1.22 -29.23
C PRO A 134 2.15 1.32 -29.70
N ALA A 135 1.92 1.30 -31.01
CA ALA A 135 0.56 1.25 -31.52
C ALA A 135 0.58 0.59 -32.89
N LYS A 136 -0.60 0.17 -33.36
CA LYS A 136 -0.70 -0.60 -34.59
C LYS A 136 -1.17 0.25 -35.77
N ARG A 137 -0.42 0.18 -36.88
CA ARG A 137 -0.75 0.88 -38.12
C ARG A 137 -1.95 0.21 -38.75
N ALA A 138 -2.57 0.90 -39.70
CA ALA A 138 -3.73 0.31 -40.39
C ALA A 138 -3.35 -1.02 -41.07
N ASP A 139 -2.10 -1.15 -41.51
CA ASP A 139 -1.68 -2.38 -42.19
C ASP A 139 -1.35 -3.50 -41.22
N GLY A 140 -1.65 -3.30 -39.94
CA GLY A 140 -1.52 -4.35 -38.95
C GLY A 140 -0.19 -4.46 -38.23
N MET A 141 0.79 -3.64 -38.60
CA MET A 141 2.12 -3.68 -37.99
C MET A 141 2.24 -2.75 -36.79
N PHE A 142 2.78 -3.27 -35.68
CA PHE A 142 3.10 -2.42 -34.53
C PHE A 142 4.35 -1.60 -34.85
N GLN A 143 4.38 -0.37 -34.36
CA GLN A 143 5.61 0.40 -34.37
C GLN A 143 5.59 1.29 -33.13
N ILE A 144 6.69 1.95 -32.85
CA ILE A 144 6.73 2.82 -31.69
C ILE A 144 6.75 4.28 -32.14
N GLY A 145 5.87 5.09 -31.57
CA GLY A 145 5.90 6.50 -31.86
C GLY A 145 6.15 7.30 -30.59
N VAL A 146 6.18 8.61 -30.75
CA VAL A 146 6.44 9.47 -29.61
C VAL A 146 5.53 10.69 -29.70
N ALA A 147 5.22 11.23 -28.54
CA ALA A 147 4.44 12.46 -28.44
C ALA A 147 5.20 13.40 -27.52
N VAL A 148 5.15 14.71 -27.79
CA VAL A 148 5.97 15.66 -27.02
C VAL A 148 5.09 16.62 -26.23
N GLY A 149 5.52 16.91 -25.01
CA GLY A 149 4.83 17.88 -24.18
C GLY A 149 5.82 18.76 -23.46
N ASP A 150 5.32 19.83 -22.84
CA ASP A 150 6.17 20.75 -22.10
C ASP A 150 6.18 20.49 -20.61
N ARG A 151 5.28 19.62 -20.16
CA ARG A 151 5.14 19.21 -18.75
C ARG A 151 4.98 17.70 -18.66
N PRO A 152 5.35 16.91 -17.52
CA PRO A 152 5.24 15.29 -17.11
C PRO A 152 3.77 14.97 -17.39
N GLU A 153 2.85 15.92 -17.19
CA GLU A 153 1.42 15.55 -17.29
C GLU A 153 0.80 15.94 -18.63
N GLY A 154 1.58 16.42 -19.57
CA GLY A 154 1.00 16.76 -20.85
C GLY A 154 0.33 18.12 -20.84
N PRO A 155 -0.49 18.42 -21.86
CA PRO A 155 -0.92 17.57 -22.97
C PRO A 155 0.23 17.17 -23.89
N PHE A 156 0.10 16.05 -24.61
CA PHE A 156 1.18 15.59 -25.47
C PHE A 156 0.75 15.71 -26.91
N VAL A 157 1.65 16.17 -27.77
CA VAL A 157 1.34 16.24 -29.18
C VAL A 157 2.10 15.13 -29.92
N ALA A 158 1.36 14.23 -30.52
CA ALA A 158 1.97 13.06 -31.17
C ALA A 158 2.62 13.45 -32.47
N GLU A 159 3.81 12.92 -32.73
CA GLU A 159 4.41 13.03 -34.06
C GLU A 159 3.53 12.36 -35.13
N PRO A 160 3.57 12.88 -36.37
CA PRO A 160 2.68 12.30 -37.39
C PRO A 160 3.12 10.93 -37.92
N GLN A 161 4.40 10.58 -37.77
CA GLN A 161 4.90 9.26 -38.16
C GLN A 161 5.52 8.58 -36.96
N PRO A 162 5.65 7.25 -37.01
CA PRO A 162 6.33 6.56 -35.89
C PRO A 162 7.84 6.77 -35.98
N ILE A 163 8.57 6.34 -34.96
CA ILE A 163 10.02 6.45 -34.94
C ILE A 163 10.61 5.48 -35.95
N ALA A 164 11.32 6.02 -36.94
CA ALA A 164 11.94 5.16 -37.96
C ALA A 164 12.88 4.18 -37.29
N GLY A 165 12.89 2.93 -37.74
CA GLY A 165 13.81 1.97 -37.17
C GLY A 165 13.21 1.21 -36.00
N THR A 166 12.01 1.61 -35.55
CA THR A 166 11.34 0.81 -34.51
C THR A 166 10.25 -0.05 -35.10
N TYR A 167 9.76 -0.99 -34.30
CA TYR A 167 8.81 -2.03 -34.71
C TYR A 167 8.48 -2.76 -33.41
N SER A 168 7.52 -3.67 -33.43
CA SER A 168 7.14 -4.43 -32.25
C SER A 168 6.68 -3.45 -31.15
N ILE A 169 6.85 -3.83 -29.89
CA ILE A 169 6.11 -3.13 -28.84
C ILE A 169 6.93 -2.81 -27.59
N ASP A 170 6.23 -2.34 -26.55
CA ASP A 170 6.80 -2.18 -25.19
C ASP A 170 8.09 -1.37 -25.07
N PRO A 171 8.06 -0.10 -25.51
CA PRO A 171 9.26 0.74 -25.34
C PRO A 171 9.65 0.97 -23.89
N ALA A 172 10.94 1.05 -23.63
CA ALA A 172 11.40 1.56 -22.36
C ALA A 172 12.56 2.46 -22.63
N VAL A 173 12.57 3.64 -22.02
CA VAL A 173 13.66 4.58 -22.30
C VAL A 173 14.46 4.80 -21.04
N LEU A 174 15.72 4.39 -21.10
CA LEU A 174 16.62 4.55 -19.99
C LEU A 174 17.32 5.90 -20.07
N ALA A 175 17.16 6.69 -19.02
CA ALA A 175 17.98 7.89 -18.88
C ALA A 175 19.24 7.48 -18.15
N ASP A 176 20.31 7.26 -18.89
CA ASP A 176 21.58 6.79 -18.34
C ASP A 176 22.15 7.88 -17.47
N ASP A 177 22.85 7.48 -16.41
CA ASP A 177 23.47 8.44 -15.50
C ASP A 177 24.48 9.35 -16.22
N ASP A 178 25.03 8.87 -17.33
CA ASP A 178 26.00 9.65 -18.11
C ASP A 178 25.35 10.66 -19.08
N GLY A 179 24.04 10.81 -19.01
CA GLY A 179 23.37 11.75 -19.91
C GLY A 179 22.73 11.17 -21.16
N ALA A 180 23.17 9.98 -21.62
CA ALA A 180 22.55 9.36 -22.81
C ALA A 180 21.13 8.83 -22.50
N HIS A 181 20.32 8.70 -23.55
CA HIS A 181 19.04 7.99 -23.42
C HIS A 181 19.05 6.82 -24.38
N TYR A 182 18.54 5.69 -23.93
CA TYR A 182 18.53 4.46 -24.74
C TYR A 182 17.09 3.97 -24.85
N LEU A 183 16.69 3.59 -26.05
CA LEU A 183 15.36 3.00 -26.20
C LEU A 183 15.47 1.49 -26.30
N TYR A 184 14.80 0.77 -25.39
CA TYR A 184 14.67 -0.67 -25.45
C TYR A 184 13.26 -1.00 -25.90
N PHE A 185 13.11 -2.07 -26.68
CA PHE A 185 11.78 -2.47 -27.08
C PHE A 185 11.71 -3.92 -27.51
N GLY A 186 10.49 -4.42 -27.67
CA GLY A 186 10.28 -5.75 -28.19
C GLY A 186 9.28 -6.57 -27.41
N GLY A 187 8.57 -7.41 -28.14
CA GLY A 187 7.67 -8.39 -27.58
C GLY A 187 7.34 -9.40 -28.66
N ILE A 188 7.40 -10.68 -28.31
CA ILE A 188 7.06 -11.72 -29.28
C ILE A 188 5.57 -12.05 -29.19
N TRP A 189 5.16 -13.16 -29.81
CA TRP A 189 3.72 -13.47 -29.99
C TRP A 189 2.97 -12.27 -30.60
N GLY A 190 1.93 -11.76 -29.91
CA GLY A 190 1.22 -10.59 -30.41
C GLY A 190 2.05 -9.34 -30.69
N GLY A 191 3.22 -9.25 -30.05
CA GLY A 191 4.11 -8.14 -30.22
C GLY A 191 4.90 -8.12 -31.53
N GLN A 192 4.95 -9.25 -32.21
CA GLN A 192 5.47 -9.33 -33.58
C GLN A 192 6.99 -9.29 -33.71
N LEU A 193 7.72 -9.22 -32.60
CA LEU A 193 9.19 -9.18 -32.70
C LEU A 193 9.75 -10.37 -33.49
N GLN A 194 9.05 -11.49 -33.43
CA GLN A 194 9.54 -12.72 -34.06
C GLN A 194 9.61 -12.60 -35.58
N HIS A 195 8.88 -11.64 -36.14
CA HIS A 195 8.95 -11.39 -37.60
C HIS A 195 10.12 -10.52 -38.05
N TYR A 196 10.99 -10.15 -37.12
CA TYR A 196 12.13 -9.30 -37.47
C TYR A 196 13.47 -9.98 -37.26
N ARG A 197 14.42 -9.75 -38.18
CA ARG A 197 15.82 -10.06 -37.88
C ARG A 197 16.65 -8.89 -38.38
N ASP A 198 17.60 -8.47 -37.58
CA ASP A 198 18.45 -7.35 -37.94
C ASP A 198 17.68 -6.13 -38.40
N ASN A 199 16.52 -5.88 -37.76
CA ASN A 199 15.68 -4.73 -38.01
C ASN A 199 14.86 -4.83 -39.28
N ALA A 200 14.86 -6.00 -39.91
CA ALA A 200 14.06 -6.14 -41.12
C ALA A 200 12.96 -7.17 -40.94
N TYR A 201 11.77 -6.76 -41.38
CA TYR A 201 10.57 -7.58 -41.36
C TYR A 201 10.57 -8.66 -42.46
N ALA A 202 10.06 -9.85 -42.18
CA ALA A 202 9.69 -10.75 -43.25
C ALA A 202 8.53 -11.59 -42.81
N GLN A 203 7.61 -11.89 -43.74
CA GLN A 203 6.51 -12.76 -43.38
C GLN A 203 6.97 -14.11 -42.87
N THR A 204 8.09 -14.62 -43.38
CA THR A 204 8.47 -15.98 -43.04
C THR A 204 9.41 -16.02 -41.84
N HIS A 205 9.78 -14.87 -41.32
CA HIS A 205 10.52 -14.85 -40.06
C HIS A 205 9.57 -15.32 -38.97
N GLN A 206 9.98 -16.34 -38.23
CA GLN A 206 9.15 -16.81 -37.12
C GLN A 206 9.96 -16.91 -35.85
N GLU A 207 9.26 -17.22 -34.76
CA GLU A 207 9.94 -17.40 -33.49
C GLU A 207 10.94 -18.57 -33.57
N PRO A 208 12.18 -18.38 -33.11
CA PRO A 208 13.13 -19.50 -33.11
C PRO A 208 12.64 -20.61 -32.23
N VAL A 209 13.13 -21.83 -32.41
CA VAL A 209 12.70 -22.95 -31.57
C VAL A 209 13.89 -23.79 -31.14
N GLY A 210 13.69 -24.62 -30.13
CA GLY A 210 14.74 -25.57 -29.76
C GLY A 210 15.99 -24.93 -29.25
N ASP A 211 17.14 -25.40 -29.78
CA ASP A 211 18.47 -24.93 -29.37
C ASP A 211 18.91 -23.59 -30.00
N ALA A 212 18.08 -23.03 -30.85
CA ALA A 212 18.39 -21.73 -31.42
C ALA A 212 18.28 -20.70 -30.29
N PRO A 213 19.17 -19.69 -30.30
CA PRO A 213 19.07 -18.60 -29.32
C PRO A 213 17.69 -17.98 -29.36
N ALA A 214 17.09 -17.78 -28.20
CA ALA A 214 15.87 -16.98 -28.14
C ALA A 214 16.16 -15.56 -28.64
N LEU A 215 15.11 -14.91 -29.14
CA LEU A 215 15.21 -13.49 -29.45
C LEU A 215 15.31 -12.70 -28.17
N GLY A 216 16.01 -11.58 -28.23
CA GLY A 216 16.05 -10.65 -27.12
C GLY A 216 15.40 -9.34 -27.53
N PRO A 217 15.26 -8.44 -26.57
CA PRO A 217 14.83 -7.07 -26.87
C PRO A 217 15.85 -6.35 -27.76
N ARG A 218 15.40 -5.25 -28.36
CA ARG A 218 16.25 -4.38 -29.17
C ARG A 218 16.64 -3.16 -28.35
N VAL A 219 17.80 -2.57 -28.67
CA VAL A 219 18.19 -1.33 -28.03
C VAL A 219 18.81 -0.37 -29.03
N ALA A 220 18.49 0.90 -28.90
CA ALA A 220 19.14 1.94 -29.68
C ALA A 220 19.32 3.19 -28.84
N ARG A 221 20.53 3.75 -28.85
CA ARG A 221 20.72 5.10 -28.31
C ARG A 221 19.80 6.03 -29.03
N LEU A 222 19.10 6.89 -28.28
CA LEU A 222 18.28 7.92 -28.88
C LEU A 222 19.11 9.14 -29.29
N HIS A 223 18.67 9.80 -30.36
CA HIS A 223 19.27 11.08 -30.75
C HIS A 223 18.95 12.13 -29.68
N GLU A 224 19.79 13.15 -29.57
CA GLU A 224 19.51 14.25 -28.62
C GLU A 224 18.13 14.87 -28.86
N ARG A 225 17.58 14.75 -30.06
CA ARG A 225 16.26 15.32 -30.30
C ARG A 225 15.14 14.39 -29.82
N MET A 226 15.50 13.17 -29.38
CA MET A 226 14.66 12.24 -28.61
C MET A 226 13.55 11.59 -29.40
N ILE A 227 13.19 12.16 -30.53
CA ILE A 227 12.13 11.59 -31.34
C ILE A 227 12.68 10.72 -32.48
N ASP A 228 14.00 10.63 -32.57
CA ASP A 228 14.64 9.75 -33.54
C ASP A 228 15.71 8.89 -32.89
N LEU A 229 15.94 7.69 -33.42
CA LEU A 229 17.11 6.90 -32.99
C LEU A 229 18.44 7.51 -33.46
N ALA A 230 19.50 7.31 -32.67
CA ALA A 230 20.83 7.77 -33.07
C ALA A 230 21.55 6.71 -33.88
N GLU A 231 21.00 5.50 -33.90
CA GLU A 231 21.64 4.36 -34.53
C GLU A 231 20.58 3.29 -34.80
N PRO A 232 20.81 2.35 -35.74
CA PRO A 232 19.89 1.22 -35.88
C PRO A 232 19.90 0.38 -34.59
N SER A 233 18.78 -0.22 -34.23
CA SER A 233 18.76 -0.98 -32.96
C SER A 233 19.58 -2.26 -33.07
N ARG A 234 20.07 -2.69 -31.91
CA ARG A 234 20.91 -3.89 -31.79
C ARG A 234 20.19 -4.91 -30.95
N GLU A 235 20.56 -6.16 -31.11
CA GLU A 235 20.05 -7.25 -30.29
C GLU A 235 20.64 -7.16 -28.91
N VAL A 236 19.81 -7.26 -27.89
CA VAL A 236 20.32 -7.38 -26.54
C VAL A 236 20.38 -8.84 -26.20
N VAL A 237 21.56 -9.34 -25.84
CA VAL A 237 21.75 -10.76 -25.63
C VAL A 237 21.65 -11.05 -24.14
N ILE A 238 20.88 -12.06 -23.81
CA ILE A 238 20.77 -12.51 -22.43
C ILE A 238 21.43 -13.88 -22.31
N LEU A 239 22.36 -14.00 -21.37
CA LEU A 239 23.19 -15.20 -21.25
C LEU A 239 22.77 -16.00 -20.06
N ASP A 240 22.99 -17.32 -20.12
CA ASP A 240 22.81 -18.13 -18.92
C ASP A 240 24.07 -18.07 -18.05
N GLU A 241 24.06 -18.79 -16.93
CA GLU A 241 25.14 -18.71 -15.96
C GLU A 241 26.48 -19.22 -16.53
N HIS A 242 26.42 -19.99 -17.61
CA HIS A 242 27.63 -20.44 -18.31
C HIS A 242 28.09 -19.52 -19.43
N GLY A 243 27.41 -18.39 -19.64
CA GLY A 243 27.82 -17.48 -20.70
C GLY A 243 27.20 -17.85 -22.04
N THR A 244 26.22 -18.73 -22.02
CA THR A 244 25.59 -19.15 -23.26
C THR A 244 24.25 -18.46 -23.48
N PRO A 245 23.98 -17.92 -24.70
CA PRO A 245 22.71 -17.25 -24.91
C PRO A 245 21.52 -18.14 -24.60
N LEU A 246 20.48 -17.57 -23.99
CA LEU A 246 19.33 -18.39 -23.60
C LEU A 246 18.68 -19.08 -24.81
N ARG A 247 18.23 -20.32 -24.63
CA ARG A 247 17.60 -21.05 -25.74
C ARG A 247 16.15 -20.65 -25.98
N ALA A 248 15.74 -20.74 -27.24
CA ALA A 248 14.36 -20.51 -27.61
C ALA A 248 13.38 -21.42 -26.84
N ASP A 249 13.81 -22.64 -26.51
CA ASP A 249 12.93 -23.58 -25.80
C ASP A 249 13.08 -23.46 -24.26
N ASP A 250 13.70 -22.38 -23.78
CA ASP A 250 13.82 -22.15 -22.32
C ASP A 250 12.82 -21.07 -21.90
N HIS A 251 11.54 -21.41 -21.89
CA HIS A 251 10.51 -20.38 -21.67
C HIS A 251 10.43 -19.89 -20.23
N ALA A 252 11.05 -20.63 -19.31
CA ALA A 252 11.22 -20.13 -17.95
C ALA A 252 12.05 -18.83 -17.86
N ARG A 253 12.96 -18.64 -18.81
CA ARG A 253 13.94 -17.55 -18.67
C ARG A 253 14.05 -16.61 -19.85
N ARG A 254 13.77 -17.11 -21.04
CA ARG A 254 13.97 -16.30 -22.24
C ARG A 254 13.00 -15.14 -22.30
N PHE A 255 13.50 -14.08 -22.93
CA PHE A 255 12.75 -12.84 -23.07
C PHE A 255 11.44 -13.01 -23.82
N PHE A 256 10.37 -12.43 -23.29
CA PHE A 256 9.07 -12.48 -23.98
C PHE A 256 8.63 -11.07 -24.35
N GLU A 257 8.57 -10.17 -23.37
CA GLU A 257 8.24 -8.79 -23.69
C GLU A 257 8.52 -7.87 -22.51
N GLY A 258 8.23 -6.59 -22.71
CA GLY A 258 8.29 -5.57 -21.64
C GLY A 258 9.62 -5.33 -20.95
N PRO A 259 10.69 -5.07 -21.74
CA PRO A 259 12.00 -4.79 -21.15
C PRO A 259 11.97 -3.53 -20.30
N TRP A 260 12.84 -3.51 -19.29
CA TRP A 260 13.03 -2.34 -18.46
C TRP A 260 14.44 -2.40 -17.98
N VAL A 261 15.10 -1.24 -17.94
CA VAL A 261 16.46 -1.24 -17.43
C VAL A 261 16.57 -0.20 -16.35
N HIS A 262 17.24 -0.57 -15.26
CA HIS A 262 17.56 0.40 -14.22
C HIS A 262 19.04 0.25 -13.84
N GLN A 263 19.62 1.33 -13.30
CA GLN A 263 21.02 1.29 -12.86
C GLN A 263 21.10 1.20 -11.34
N HIS A 264 21.98 0.34 -10.86
CA HIS A 264 22.21 0.24 -9.45
C HIS A 264 23.60 -0.32 -9.23
N ALA A 265 24.35 0.31 -8.32
CA ALA A 265 25.65 -0.18 -7.90
C ALA A 265 26.60 -0.40 -9.08
N GLY A 266 26.52 0.49 -10.06
CA GLY A 266 27.49 0.47 -11.15
C GLY A 266 27.23 -0.60 -12.19
N ARG A 267 26.06 -1.21 -12.13
CA ARG A 267 25.66 -2.10 -13.21
C ARG A 267 24.26 -1.75 -13.75
N TYR A 268 23.92 -2.40 -14.85
CA TYR A 268 22.62 -2.26 -15.49
C TYR A 268 21.80 -3.49 -15.23
N TYR A 269 20.53 -3.30 -14.90
CA TYR A 269 19.60 -4.38 -14.65
C TYR A 269 18.56 -4.40 -15.71
N LEU A 270 18.50 -5.48 -16.46
CA LEU A 270 17.49 -5.61 -17.48
C LEU A 270 16.47 -6.53 -16.89
N SER A 271 15.21 -6.11 -16.86
CA SER A 271 14.20 -6.99 -16.36
C SER A 271 13.07 -7.05 -17.41
N TYR A 272 12.29 -8.11 -17.38
CA TYR A 272 11.35 -8.39 -18.48
C TYR A 272 10.38 -9.51 -18.11
N SER A 273 9.29 -9.57 -18.86
CA SER A 273 8.29 -10.60 -18.75
C SER A 273 8.70 -11.81 -19.57
N THR A 274 8.42 -12.99 -19.02
CA THR A 274 8.66 -14.26 -19.73
C THR A 274 7.39 -14.82 -20.37
N GLY A 275 6.28 -14.08 -20.24
CA GLY A 275 5.05 -14.45 -20.94
C GLY A 275 4.40 -15.75 -20.49
N ASP A 276 4.62 -16.83 -21.24
CA ASP A 276 3.90 -18.07 -20.94
C ASP A 276 4.40 -18.75 -19.69
N THR A 277 5.46 -18.26 -19.06
CA THR A 277 5.73 -18.80 -17.72
C THR A 277 5.49 -17.74 -16.63
N HIS A 278 4.99 -16.57 -17.04
CA HIS A 278 4.35 -15.61 -16.14
C HIS A 278 5.27 -14.99 -15.08
N ARG A 279 6.54 -14.79 -15.44
CA ARG A 279 7.52 -14.27 -14.49
C ARG A 279 7.99 -12.92 -14.95
N ILE A 280 8.39 -12.04 -14.02
CA ILE A 280 9.34 -11.01 -14.37
C ILE A 280 10.71 -11.51 -13.95
N CYS A 281 11.63 -11.61 -14.91
CA CYS A 281 13.00 -12.07 -14.65
C CYS A 281 13.93 -10.90 -14.78
N TYR A 282 15.18 -11.05 -14.33
CA TYR A 282 16.12 -9.98 -14.57
C TYR A 282 17.49 -10.55 -14.81
N ALA A 283 18.31 -9.70 -15.41
CA ALA A 283 19.67 -10.06 -15.78
C ALA A 283 20.53 -8.80 -15.65
N THR A 284 21.85 -8.96 -15.53
CA THR A 284 22.71 -7.82 -15.31
C THR A 284 23.86 -7.71 -16.33
N SER A 285 24.35 -6.50 -16.49
CA SER A 285 25.46 -6.17 -17.38
C SER A 285 26.22 -4.94 -16.91
N ASP A 286 27.48 -4.81 -17.33
CA ASP A 286 28.27 -3.58 -17.12
C ASP A 286 27.98 -2.56 -18.21
N SER A 287 27.16 -2.93 -19.19
CA SER A 287 26.87 -2.04 -20.33
C SER A 287 25.37 -1.96 -20.65
N PRO A 288 24.86 -0.77 -21.06
CA PRO A 288 23.43 -0.73 -21.44
C PRO A 288 23.13 -1.61 -22.67
N TYR A 289 24.17 -1.94 -23.43
CA TYR A 289 24.03 -2.79 -24.61
C TYR A 289 24.05 -4.30 -24.31
N GLY A 290 24.40 -4.64 -23.08
CA GLY A 290 24.62 -6.03 -22.74
C GLY A 290 25.99 -6.47 -23.22
N PRO A 291 26.23 -7.79 -23.23
CA PRO A 291 25.21 -8.81 -22.90
C PRO A 291 24.87 -8.87 -21.41
N PHE A 292 23.65 -9.29 -21.11
CA PHE A 292 23.17 -9.38 -19.74
C PHE A 292 23.20 -10.82 -19.30
N THR A 293 23.63 -11.09 -18.07
CA THR A 293 23.66 -12.45 -17.57
C THR A 293 22.44 -12.66 -16.67
N TYR A 294 21.64 -13.66 -17.02
CA TYR A 294 20.43 -14.02 -16.28
C TYR A 294 20.71 -14.15 -14.80
N GLN A 295 19.89 -13.56 -13.96
CA GLN A 295 20.10 -13.71 -12.51
C GLN A 295 18.98 -14.48 -11.85
N GLY A 296 17.74 -14.18 -12.17
CA GLY A 296 16.65 -14.88 -11.52
C GLY A 296 15.32 -14.22 -11.71
N VAL A 297 14.36 -14.65 -10.89
CA VAL A 297 12.98 -14.19 -10.95
C VAL A 297 12.77 -13.06 -9.98
N LEU A 298 12.25 -11.96 -10.52
CA LEU A 298 12.02 -10.77 -9.74
C LEU A 298 10.58 -10.72 -9.23
N LEU A 299 9.63 -11.15 -10.06
CA LEU A 299 8.23 -11.17 -9.65
C LEU A 299 7.60 -12.52 -10.03
N ALA A 300 7.04 -13.22 -9.04
CA ALA A 300 6.33 -14.49 -9.24
C ALA A 300 5.03 -14.22 -9.99
N PRO A 301 4.36 -15.28 -10.47
CA PRO A 301 3.17 -15.03 -11.29
C PRO A 301 2.04 -14.21 -10.68
N VAL A 302 1.41 -13.36 -11.49
CA VAL A 302 0.27 -12.57 -11.04
C VAL A 302 -1.04 -13.13 -11.59
N VAL A 303 -2.16 -12.71 -11.00
CA VAL A 303 -3.50 -13.05 -11.53
C VAL A 303 -3.69 -12.36 -12.88
N GLY A 304 -4.26 -13.07 -13.85
CA GLY A 304 -4.36 -12.59 -15.22
C GLY A 304 -3.15 -13.07 -16.00
N TRP A 305 -3.29 -13.26 -17.30
CA TRP A 305 -2.22 -13.89 -18.06
C TRP A 305 -0.96 -13.01 -18.20
N THR A 306 -1.13 -11.72 -18.45
CA THR A 306 0.04 -10.88 -18.65
C THR A 306 0.70 -10.49 -17.34
N THR A 307 1.97 -10.14 -17.46
CA THR A 307 2.65 -9.51 -16.37
C THR A 307 3.56 -8.44 -16.98
N HIS A 308 3.61 -7.28 -16.35
CA HIS A 308 4.37 -6.17 -16.91
C HIS A 308 4.75 -5.25 -15.76
N HIS A 309 5.89 -4.58 -15.90
CA HIS A 309 6.41 -3.89 -14.72
C HIS A 309 7.34 -2.71 -15.03
N SER A 310 7.70 -1.97 -13.98
CA SER A 310 8.86 -1.10 -14.06
C SER A 310 9.49 -1.03 -12.66
N ILE A 311 10.70 -0.52 -12.62
CA ILE A 311 11.44 -0.43 -11.37
C ILE A 311 11.95 1.00 -11.26
N CYS A 312 11.63 1.67 -10.15
CA CYS A 312 11.90 3.09 -10.09
C CYS A 312 12.33 3.47 -8.67
N LEU A 313 13.33 4.35 -8.57
CA LEU A 313 13.80 4.83 -7.28
C LEU A 313 13.08 6.11 -6.89
N PHE A 314 12.52 6.14 -5.69
CA PHE A 314 11.76 7.30 -5.26
C PHE A 314 12.22 7.61 -3.86
N GLN A 315 12.90 8.73 -3.71
CA GLN A 315 13.47 9.09 -2.39
C GLN A 315 14.36 7.97 -1.89
N GLN A 316 14.04 7.38 -0.76
CA GLN A 316 15.00 6.42 -0.16
C GLN A 316 14.91 5.01 -0.78
N GLN A 317 13.89 4.78 -1.58
CA GLN A 317 13.45 3.41 -1.77
C GLN A 317 13.25 3.03 -3.23
N TRP A 318 13.69 1.82 -3.62
CA TRP A 318 13.31 1.28 -4.92
C TRP A 318 11.93 0.68 -4.85
N TYR A 319 11.15 0.86 -5.92
CA TYR A 319 9.84 0.26 -5.98
C TYR A 319 9.69 -0.56 -7.25
N LEU A 320 9.03 -1.68 -7.11
CA LEU A 320 8.52 -2.42 -8.27
C LEU A 320 7.08 -2.01 -8.54
N PHE A 321 6.80 -1.56 -9.75
CA PHE A 321 5.44 -1.31 -10.22
C PHE A 321 5.03 -2.46 -11.10
N TYR A 322 3.84 -3.01 -10.91
CA TYR A 322 3.43 -4.16 -11.74
C TYR A 322 1.91 -4.10 -11.89
N HIS A 323 1.31 -5.13 -12.47
CA HIS A 323 -0.16 -5.14 -12.57
C HIS A 323 -0.73 -6.54 -12.36
N ASP A 324 -2.05 -6.62 -12.11
CA ASP A 324 -2.71 -7.90 -12.13
C ASP A 324 -4.17 -7.68 -12.39
N SER A 325 -4.91 -8.77 -12.39
CA SER A 325 -6.30 -8.72 -12.83
C SER A 325 -7.26 -8.99 -11.68
N VAL A 326 -6.82 -8.77 -10.44
CA VAL A 326 -7.72 -9.04 -9.33
C VAL A 326 -8.94 -8.09 -9.34
N LEU A 327 -8.71 -6.81 -9.62
CA LEU A 327 -9.81 -5.81 -9.56
C LEU A 327 -10.98 -6.23 -10.42
N SER A 328 -10.66 -6.78 -11.58
CA SER A 328 -11.70 -7.15 -12.52
C SER A 328 -12.24 -8.56 -12.29
N GLY A 329 -11.82 -9.18 -11.19
CA GLY A 329 -12.25 -10.55 -10.90
C GLY A 329 -11.52 -11.57 -11.76
N GLY A 330 -10.29 -11.26 -12.14
CA GLY A 330 -9.46 -12.25 -12.83
C GLY A 330 -9.47 -12.17 -14.34
N GLN A 331 -10.03 -11.11 -14.90
CA GLN A 331 -10.06 -10.97 -16.34
C GLN A 331 -8.73 -10.47 -16.87
N THR A 332 -8.11 -11.24 -17.76
CA THR A 332 -6.76 -10.92 -18.25
C THR A 332 -6.67 -9.52 -18.86
N HIS A 333 -7.72 -9.13 -19.58
N HIS A 333 -7.73 -9.15 -19.54
CA HIS A 333 -7.69 -7.88 -20.32
CA HIS A 333 -7.75 -7.91 -20.31
C HIS A 333 -8.14 -6.65 -19.51
C HIS A 333 -8.15 -6.66 -19.51
N LEU A 334 -8.42 -6.83 -18.23
CA LEU A 334 -8.81 -5.68 -17.39
C LEU A 334 -7.98 -5.64 -16.13
N ARG A 335 -6.96 -4.79 -16.12
CA ARG A 335 -5.95 -4.90 -15.10
C ARG A 335 -5.94 -3.70 -14.18
N SER A 336 -5.16 -3.78 -13.11
CA SER A 336 -4.89 -2.62 -12.27
C SER A 336 -3.44 -2.60 -11.90
N ILE A 337 -2.82 -1.42 -11.92
CA ILE A 337 -1.43 -1.34 -11.52
C ILE A 337 -1.27 -1.31 -10.02
N LYS A 338 -0.12 -1.78 -9.59
CA LYS A 338 0.24 -1.97 -8.19
C LYS A 338 1.70 -1.61 -7.96
N MET A 339 2.07 -1.41 -6.70
CA MET A 339 3.48 -1.17 -6.41
C MET A 339 3.84 -1.87 -5.14
N ALA A 340 5.10 -2.29 -5.06
CA ALA A 340 5.66 -2.92 -3.87
C ALA A 340 7.08 -2.46 -3.71
N PRO A 341 7.55 -2.36 -2.46
CA PRO A 341 8.95 -1.98 -2.27
C PRO A 341 9.87 -3.07 -2.76
N LEU A 342 10.98 -2.66 -3.33
CA LEU A 342 11.98 -3.58 -3.86
C LEU A 342 13.31 -3.34 -3.21
N ALA A 343 14.08 -4.42 -3.01
CA ALA A 343 15.37 -4.35 -2.35
C ALA A 343 16.47 -5.04 -3.14
N HIS A 344 17.60 -4.38 -3.28
CA HIS A 344 18.79 -5.06 -3.79
C HIS A 344 19.60 -5.60 -2.60
N ALA A 345 20.03 -6.85 -2.69
CA ALA A 345 20.87 -7.45 -1.65
C ALA A 345 22.31 -6.93 -1.78
N ALA A 346 23.12 -7.16 -0.74
CA ALA A 346 24.51 -6.73 -0.76
C ALA A 346 25.24 -7.30 -1.99
N ASP A 347 24.90 -8.51 -2.41
CA ASP A 347 25.59 -9.09 -3.56
C ASP A 347 25.00 -8.63 -4.90
N GLY A 348 24.08 -7.69 -4.84
CA GLY A 348 23.52 -7.15 -6.08
C GLY A 348 22.26 -7.86 -6.56
N THR A 349 21.93 -9.02 -5.98
CA THR A 349 20.74 -9.73 -6.42
C THR A 349 19.49 -9.02 -5.91
N ILE A 350 18.35 -9.35 -6.51
CA ILE A 350 17.06 -8.86 -6.04
C ILE A 350 16.21 -10.05 -5.64
N ALA A 351 15.70 -10.06 -4.41
CA ALA A 351 14.90 -11.22 -4.01
C ALA A 351 13.56 -11.22 -4.75
N THR A 352 13.04 -12.41 -5.03
CA THR A 352 11.73 -12.57 -5.65
C THR A 352 10.62 -11.93 -4.82
N ILE A 353 9.80 -11.14 -5.49
CA ILE A 353 8.58 -10.60 -4.89
C ILE A 353 7.40 -11.53 -5.20
N TYR A 354 6.66 -11.91 -4.16
CA TYR A 354 5.51 -12.80 -4.30
C TYR A 354 4.27 -11.95 -4.09
N PRO A 355 3.53 -11.68 -5.17
CA PRO A 355 2.47 -10.67 -5.11
C PRO A 355 1.27 -11.05 -4.23
N TYR A 356 1.13 -12.32 -3.85
CA TYR A 356 0.03 -12.73 -2.96
C TYR A 356 0.60 -13.43 -1.74
N GLY A 357 1.89 -13.21 -1.49
CA GLY A 357 2.57 -13.89 -0.40
C GLY A 357 3.25 -15.15 -0.90
N GLU A 358 4.34 -15.54 -0.25
CA GLU A 358 5.07 -16.72 -0.74
C GLU A 358 4.27 -18.01 -0.53
N ASP A 359 3.36 -18.01 0.44
CA ASP A 359 2.60 -19.21 0.75
C ASP A 359 1.38 -19.41 -0.13
N ALA A 360 1.02 -18.40 -0.91
CA ALA A 360 -0.17 -18.47 -1.74
C ALA A 360 -0.07 -19.55 -2.81
N VAL A 361 -1.22 -20.04 -3.21
CA VAL A 361 -1.30 -20.90 -4.39
C VAL A 361 -0.99 -19.99 -5.58
N SER A 362 -0.07 -20.42 -6.44
CA SER A 362 0.28 -19.61 -7.60
C SER A 362 -0.86 -19.63 -8.59
N PRO A 363 -1.21 -18.46 -9.17
CA PRO A 363 -2.26 -18.42 -10.19
C PRO A 363 -1.80 -19.11 -11.47
N TRP A 364 -0.50 -19.34 -11.64
CA TRP A 364 0.01 -20.01 -12.88
C TRP A 364 1.03 -21.06 -12.51
N ALA B 27 -20.82 -13.73 0.73
CA ALA B 27 -19.75 -14.43 0.04
C ALA B 27 -19.35 -13.70 -1.25
N ALA B 28 -20.34 -13.46 -2.09
CA ALA B 28 -20.11 -12.65 -3.28
C ALA B 28 -19.79 -11.21 -2.88
N SER B 29 -20.48 -10.73 -1.86
CA SER B 29 -20.24 -9.38 -1.34
C SER B 29 -18.80 -9.25 -0.86
N LEU B 30 -18.34 -10.23 -0.09
CA LEU B 30 -16.98 -10.18 0.42
C LEU B 30 -15.94 -10.09 -0.70
N GLN B 31 -16.07 -10.97 -1.68
CA GLN B 31 -15.14 -10.92 -2.77
C GLN B 31 -15.22 -9.61 -3.55
N ALA B 32 -16.38 -8.96 -3.65
CA ALA B 32 -16.44 -7.67 -4.32
C ALA B 32 -15.61 -6.66 -3.55
N LEU B 33 -15.81 -6.60 -2.24
CA LEU B 33 -15.03 -5.69 -1.41
C LEU B 33 -13.54 -5.97 -1.44
N ALA B 34 -13.14 -7.23 -1.43
CA ALA B 34 -11.70 -7.53 -1.48
C ALA B 34 -11.10 -6.98 -2.75
N ARG B 35 -11.84 -7.06 -3.85
CA ARG B 35 -11.31 -6.59 -5.12
C ARG B 35 -11.10 -5.07 -5.11
N THR B 36 -11.97 -4.33 -4.42
CA THR B 36 -11.89 -2.88 -4.51
C THR B 36 -11.27 -2.23 -3.27
N ALA B 37 -10.74 -3.04 -2.36
CA ALA B 37 -10.11 -2.51 -1.15
C ALA B 37 -9.03 -1.50 -1.49
N ILE B 38 -8.96 -0.39 -0.73
CA ILE B 38 -8.01 0.66 -1.07
C ILE B 38 -6.66 0.39 -0.43
N SER B 39 -6.60 -0.59 0.46
CA SER B 39 -5.38 -0.92 1.19
C SER B 39 -5.21 -2.42 1.22
N ALA B 40 -3.96 -2.86 1.11
CA ALA B 40 -3.64 -4.25 1.32
C ALA B 40 -3.31 -4.43 2.80
N PRO B 41 -3.43 -5.67 3.30
CA PRO B 41 -2.91 -5.99 4.65
C PRO B 41 -1.42 -5.69 4.76
N LEU B 42 -1.04 -4.95 5.80
CA LEU B 42 0.37 -4.62 6.00
C LEU B 42 1.23 -5.85 6.23
N VAL B 43 0.66 -6.89 6.85
CA VAL B 43 1.32 -8.19 6.97
C VAL B 43 0.24 -9.24 6.85
N THR B 44 0.60 -10.44 6.36
CA THR B 44 -0.35 -11.53 6.18
C THR B 44 0.11 -12.83 6.83
N HIS B 45 1.28 -12.83 7.42
CA HIS B 45 1.75 -14.07 8.02
C HIS B 45 1.24 -14.24 9.45
N LEU B 46 0.61 -13.20 9.99
CA LEU B 46 -0.16 -13.32 11.22
C LEU B 46 -1.37 -12.39 11.13
N TYR B 47 -2.37 -12.62 11.97
CA TYR B 47 -3.51 -11.72 12.00
C TYR B 47 -3.23 -10.61 12.98
N THR B 48 -3.57 -9.38 12.62
CA THR B 48 -3.23 -8.22 13.43
C THR B 48 -4.46 -7.32 13.50
N ALA B 49 -4.59 -6.56 14.58
CA ALA B 49 -5.74 -5.69 14.72
C ALA B 49 -5.39 -4.46 15.51
N ASP B 50 -6.30 -3.50 15.57
CA ASP B 50 -6.17 -2.42 16.59
C ASP B 50 -4.87 -1.63 16.52
N PRO B 51 -4.51 -1.15 15.31
CA PRO B 51 -3.14 -0.64 15.14
C PRO B 51 -2.89 0.72 15.81
N SER B 52 -1.85 0.81 16.64
CA SER B 52 -1.42 2.08 17.20
C SER B 52 -0.07 2.48 16.58
N ALA B 53 -0.12 3.49 15.72
CA ALA B 53 1.06 3.94 14.96
C ALA B 53 1.74 5.16 15.58
N HIS B 54 3.08 5.08 15.66
CA HIS B 54 3.93 6.11 16.24
C HIS B 54 5.23 6.26 15.45
N VAL B 55 5.72 7.50 15.35
CA VAL B 55 7.06 7.72 14.80
C VAL B 55 7.95 7.85 15.99
N PHE B 56 8.79 6.84 16.18
CA PHE B 56 9.79 6.80 17.25
C PHE B 56 11.16 6.62 16.60
N ASP B 57 12.15 7.38 17.07
CA ASP B 57 13.53 7.14 16.65
C ASP B 57 13.67 7.05 15.13
N GLY B 58 13.01 7.98 14.43
CA GLY B 58 13.12 8.08 12.98
C GLY B 58 12.30 7.11 12.13
N ALA B 59 11.64 6.13 12.73
CA ALA B 59 10.87 5.17 11.96
C ALA B 59 9.43 5.08 12.44
N LEU B 60 8.59 4.42 11.65
CA LEU B 60 7.21 4.21 12.07
C LEU B 60 7.13 2.86 12.77
N TYR B 61 6.65 2.89 14.00
CA TYR B 61 6.44 1.68 14.77
C TYR B 61 4.95 1.51 14.94
N ILE B 62 4.47 0.28 14.72
CA ILE B 62 3.04 -0.02 14.94
C ILE B 62 2.89 -1.05 16.02
N TYR B 63 1.99 -0.74 16.94
CA TYR B 63 1.68 -1.62 18.05
C TYR B 63 0.25 -2.13 17.92
N PRO B 64 0.05 -3.28 17.28
CA PRO B 64 -1.29 -3.87 17.13
C PRO B 64 -1.57 -5.02 18.08
N SER B 65 -2.83 -5.41 18.18
CA SER B 65 -3.19 -6.73 18.70
C SER B 65 -2.78 -7.85 17.77
N HIS B 66 -2.66 -9.05 18.32
CA HIS B 66 -2.30 -10.25 17.57
C HIS B 66 -3.40 -11.27 17.72
N ASP B 67 -4.22 -11.42 16.68
CA ASP B 67 -5.37 -12.30 16.70
C ASP B 67 -4.90 -13.74 16.54
N LEU B 68 -5.48 -14.67 17.29
CA LEU B 68 -5.14 -16.08 17.16
C LEU B 68 -6.26 -16.92 16.53
N ASP B 69 -5.91 -17.65 15.48
CA ASP B 69 -6.86 -18.52 14.77
C ASP B 69 -6.95 -19.89 15.42
N ALA B 70 -7.96 -20.07 16.26
CA ALA B 70 -8.05 -21.28 17.07
C ALA B 70 -9.39 -22.06 17.03
N GLY B 71 -10.22 -21.85 16.00
CA GLY B 71 -11.34 -22.74 15.73
C GLY B 71 -12.78 -22.26 15.66
N VAL B 72 -13.25 -21.95 14.44
CA VAL B 72 -14.66 -21.65 14.17
C VAL B 72 -14.92 -21.57 12.65
N HIS B 80 -14.64 -15.32 19.65
CA HIS B 80 -14.07 -14.76 20.88
C HIS B 80 -12.75 -14.08 20.62
N PHE B 81 -12.53 -12.95 21.29
CA PHE B 81 -11.24 -12.22 21.19
C PHE B 81 -10.33 -12.65 22.32
N ASP B 82 -9.57 -13.70 22.07
CA ASP B 82 -8.80 -14.35 23.11
C ASP B 82 -7.28 -14.17 22.88
N MET B 83 -6.85 -12.97 22.53
CA MET B 83 -5.45 -12.73 22.19
C MET B 83 -4.55 -12.82 23.41
N ALA B 84 -3.29 -13.22 23.19
CA ALA B 84 -2.37 -13.53 24.27
C ALA B 84 -1.07 -12.73 24.23
N ASP B 85 -0.79 -12.06 23.12
CA ASP B 85 0.54 -11.46 23.01
C ASP B 85 0.53 -10.27 22.08
N TYR B 86 1.63 -9.53 22.09
CA TYR B 86 1.79 -8.44 21.12
C TYR B 86 3.06 -8.63 20.32
N HIS B 87 2.97 -8.28 19.05
CA HIS B 87 4.16 -8.07 18.22
C HIS B 87 4.37 -6.57 18.01
N VAL B 88 5.55 -6.15 17.57
CA VAL B 88 5.74 -4.79 17.09
C VAL B 88 6.10 -4.86 15.60
N LEU B 89 5.50 -3.98 14.81
CA LEU B 89 5.83 -3.85 13.39
C LEU B 89 6.56 -2.54 13.11
N ARG B 90 7.42 -2.53 12.08
CA ARG B 90 8.13 -1.31 11.80
C ARG B 90 8.15 -1.01 10.30
N MET B 91 7.97 0.25 9.95
CA MET B 91 8.25 0.74 8.59
C MET B 91 9.35 1.77 8.68
N ALA B 92 10.49 1.52 8.03
CA ALA B 92 11.65 2.38 8.18
C ALA B 92 11.39 3.79 7.68
N HIS B 93 10.50 3.90 6.72
CA HIS B 93 10.29 5.18 6.07
C HIS B 93 9.02 5.03 5.25
N PRO B 94 8.37 6.14 4.61
CA PRO B 94 7.02 6.30 3.62
C PRO B 94 7.35 5.20 2.59
N GLY B 95 6.49 4.18 2.51
CA GLY B 95 6.53 3.15 1.46
C GLY B 95 7.37 1.89 1.70
N ALA B 96 8.06 1.82 2.84
CA ALA B 96 8.95 0.69 3.12
C ALA B 96 8.20 -0.61 3.33
N ALA B 97 8.91 -1.72 3.17
CA ALA B 97 8.36 -3.02 3.57
C ALA B 97 8.09 -2.98 5.07
N VAL B 98 7.05 -3.68 5.50
CA VAL B 98 6.73 -3.74 6.94
C VAL B 98 7.49 -4.88 7.59
N GLU B 99 8.24 -4.57 8.65
CA GLU B 99 9.02 -5.58 9.36
C GLU B 99 8.23 -6.05 10.58
N ASP B 100 8.12 -7.36 10.76
CA ASP B 100 7.59 -7.92 12.01
C ASP B 100 8.77 -8.11 12.96
N LEU B 101 8.83 -7.33 14.03
CA LEU B 101 10.00 -7.40 14.88
C LEU B 101 9.84 -8.47 15.96
N GLY B 102 8.76 -9.25 15.85
CA GLY B 102 8.56 -10.39 16.72
C GLY B 102 7.67 -10.07 17.91
N GLN B 103 7.41 -11.09 18.72
CA GLN B 103 6.61 -10.96 19.93
C GLN B 103 7.40 -10.17 20.97
N VAL B 104 6.75 -9.20 21.62
CA VAL B 104 7.45 -8.35 22.58
C VAL B 104 6.86 -8.42 24.00
N LEU B 105 5.69 -9.03 24.12
CA LEU B 105 5.00 -9.18 25.40
C LEU B 105 3.97 -10.30 25.29
N HIS B 106 3.89 -11.12 26.33
CA HIS B 106 2.93 -12.22 26.34
C HIS B 106 2.24 -12.19 27.68
N VAL B 107 0.96 -12.55 27.74
CA VAL B 107 0.23 -12.44 28.99
C VAL B 107 0.84 -13.36 30.08
N ARG B 108 1.53 -14.43 29.70
CA ARG B 108 2.18 -15.29 30.72
C ARG B 108 3.24 -14.51 31.49
N ASP B 109 3.71 -13.41 30.92
CA ASP B 109 4.75 -12.63 31.59
C ASP B 109 4.19 -11.38 32.25
N VAL B 110 2.87 -11.28 32.32
CA VAL B 110 2.21 -10.16 32.96
C VAL B 110 1.63 -10.72 34.25
N PRO B 111 2.26 -10.41 35.40
CA PRO B 111 1.90 -11.06 36.66
C PRO B 111 0.43 -10.92 37.04
N TRP B 112 -0.16 -9.74 36.78
CA TRP B 112 -1.49 -9.43 37.30
C TRP B 112 -2.60 -9.88 36.36
N ALA B 113 -2.24 -10.20 35.12
CA ALA B 113 -3.26 -10.48 34.11
C ALA B 113 -3.39 -11.96 33.77
N GLN B 114 -4.61 -12.38 33.49
CA GLN B 114 -4.89 -13.77 33.15
C GLN B 114 -5.00 -13.99 31.65
N ARG B 115 -5.71 -13.10 30.95
CA ARG B 115 -6.07 -13.39 29.57
C ARG B 115 -6.50 -12.12 28.86
N GLN B 116 -6.60 -12.20 27.54
CA GLN B 116 -7.27 -11.21 26.68
C GLN B 116 -6.52 -9.87 26.59
N MET B 117 -5.42 -9.94 25.85
CA MET B 117 -4.52 -8.83 25.63
C MET B 117 -5.05 -8.06 24.46
N TRP B 118 -5.81 -7.03 24.76
CA TRP B 118 -6.55 -6.30 23.75
C TRP B 118 -5.79 -5.05 23.29
N ALA B 119 -6.48 -4.13 22.61
CA ALA B 119 -5.84 -3.09 21.80
C ALA B 119 -4.81 -2.25 22.55
N PRO B 120 -3.53 -2.33 22.15
CA PRO B 120 -2.48 -1.62 22.91
C PRO B 120 -2.05 -0.24 22.36
N ASP B 121 -1.13 0.40 23.08
CA ASP B 121 -0.53 1.64 22.58
C ASP B 121 0.87 1.79 23.16
N ALA B 122 1.62 2.77 22.67
CA ALA B 122 2.94 3.00 23.20
C ALA B 122 3.24 4.47 23.34
N ALA B 123 4.23 4.77 24.20
CA ALA B 123 4.73 6.12 24.32
C ALA B 123 6.21 6.09 24.65
N GLN B 124 6.84 7.26 24.52
CA GLN B 124 8.25 7.38 24.84
C GLN B 124 8.48 8.56 25.80
N ARG B 125 9.31 8.34 26.80
CA ARG B 125 9.76 9.40 27.69
C ARG B 125 10.94 8.81 28.44
N ASN B 126 11.79 9.67 29.02
CA ASN B 126 12.85 9.21 29.91
C ASN B 126 13.83 8.24 29.24
N GLY B 127 13.96 8.34 27.92
CA GLY B 127 14.79 7.41 27.16
C GLY B 127 14.18 6.03 27.01
N LYS B 128 12.96 5.85 27.49
CA LYS B 128 12.38 4.50 27.48
C LYS B 128 11.15 4.47 26.58
N THR B 129 10.69 3.26 26.26
CA THR B 129 9.44 3.10 25.52
C THR B 129 8.49 2.31 26.40
N TYR B 130 7.27 2.82 26.54
CA TYR B 130 6.26 2.21 27.42
C TYR B 130 5.15 1.61 26.56
N LEU B 131 4.80 0.34 26.81
CA LEU B 131 3.69 -0.30 26.11
C LEU B 131 2.51 -0.39 27.07
N TYR B 132 1.43 0.33 26.74
CA TYR B 132 0.21 0.34 27.53
C TYR B 132 -0.75 -0.68 26.94
N PHE B 133 -1.37 -1.50 27.78
CA PHE B 133 -2.17 -2.58 27.25
C PHE B 133 -3.29 -2.93 28.23
N PRO B 134 -4.47 -3.20 27.69
CA PRO B 134 -5.64 -3.66 28.46
C PRO B 134 -5.60 -5.18 28.55
N ALA B 135 -5.83 -5.72 29.73
CA ALA B 135 -5.89 -7.17 29.85
C ALA B 135 -6.80 -7.50 31.04
N LYS B 136 -7.28 -8.74 31.10
CA LYS B 136 -8.20 -9.11 32.16
C LYS B 136 -7.51 -9.82 33.32
N ARG B 137 -7.83 -9.38 34.52
CA ARG B 137 -7.46 -10.12 35.74
C ARG B 137 -8.14 -11.49 35.83
N ALA B 138 -7.67 -12.31 36.76
CA ALA B 138 -8.27 -13.63 36.93
C ALA B 138 -9.75 -13.58 37.35
N ASP B 139 -10.23 -12.43 37.83
CA ASP B 139 -11.64 -12.31 38.14
C ASP B 139 -12.48 -11.73 37.01
N GLY B 140 -11.92 -11.66 35.82
CA GLY B 140 -12.63 -11.20 34.65
C GLY B 140 -12.67 -9.68 34.47
N MET B 141 -12.00 -8.91 35.32
CA MET B 141 -12.11 -7.45 35.15
C MET B 141 -10.97 -6.93 34.31
N PHE B 142 -11.25 -6.10 33.30
CA PHE B 142 -10.17 -5.42 32.56
C PHE B 142 -9.52 -4.32 33.35
N GLN B 143 -8.22 -4.16 33.16
CA GLN B 143 -7.54 -2.96 33.60
C GLN B 143 -6.43 -2.72 32.61
N ILE B 144 -5.77 -1.58 32.73
CA ILE B 144 -4.69 -1.23 31.82
C ILE B 144 -3.36 -1.28 32.55
N GLY B 145 -2.41 -2.00 31.98
CA GLY B 145 -1.09 -2.11 32.57
C GLY B 145 -0.02 -1.51 31.67
N VAL B 146 1.20 -1.45 32.16
CA VAL B 146 2.24 -0.92 31.32
C VAL B 146 3.44 -1.84 31.41
N ALA B 147 4.18 -1.91 30.33
CA ALA B 147 5.40 -2.69 30.24
C ALA B 147 6.48 -1.77 29.70
N VAL B 148 7.71 -1.91 30.20
CA VAL B 148 8.75 -0.92 29.94
C VAL B 148 9.89 -1.55 29.19
N GLY B 149 10.41 -0.86 28.17
CA GLY B 149 11.55 -1.36 27.42
C GLY B 149 12.55 -0.23 27.16
N ASP B 150 13.76 -0.59 26.77
CA ASP B 150 14.80 0.39 26.48
C ASP B 150 14.73 0.93 25.05
N ARG B 151 14.02 0.22 24.18
CA ARG B 151 13.92 0.59 22.76
C ARG B 151 12.49 0.40 22.27
N PRO B 152 12.08 1.11 21.20
CA PRO B 152 10.69 0.99 20.72
C PRO B 152 10.36 -0.39 20.24
N GLU B 153 11.38 -1.15 19.85
CA GLU B 153 11.18 -2.50 19.40
C GLU B 153 11.44 -3.47 20.50
N GLY B 154 12.49 -3.19 21.30
CA GLY B 154 13.12 -4.16 22.17
C GLY B 154 12.00 -4.63 23.03
N PRO B 155 12.10 -5.84 23.60
CA PRO B 155 10.95 -6.40 24.30
C PRO B 155 10.64 -5.60 25.56
N PHE B 156 9.46 -5.84 26.12
CA PHE B 156 8.95 -5.02 27.22
C PHE B 156 8.75 -5.84 28.47
N VAL B 157 9.09 -5.26 29.62
CA VAL B 157 8.91 -5.93 30.90
C VAL B 157 7.70 -5.36 31.58
N ALA B 158 6.71 -6.20 31.84
CA ALA B 158 5.49 -5.77 32.51
C ALA B 158 5.71 -5.35 33.96
N GLU B 159 5.10 -4.25 34.35
CA GLU B 159 4.92 -3.94 35.79
C GLU B 159 4.07 -5.04 36.44
N PRO B 160 4.32 -5.35 37.73
CA PRO B 160 3.68 -6.52 38.35
C PRO B 160 2.20 -6.26 38.66
N GLN B 161 1.80 -5.00 38.74
CA GLN B 161 0.39 -4.63 38.95
C GLN B 161 -0.06 -3.76 37.79
N PRO B 162 -1.38 -3.67 37.54
CA PRO B 162 -1.85 -2.72 36.53
C PRO B 162 -1.77 -1.28 37.03
N ILE B 163 -2.10 -0.33 36.17
CA ILE B 163 -2.07 1.09 36.55
C ILE B 163 -3.26 1.44 37.39
N ALA B 164 -2.96 1.88 38.61
CA ALA B 164 -4.01 2.23 39.55
C ALA B 164 -4.85 3.37 38.97
N GLY B 165 -6.16 3.25 39.11
CA GLY B 165 -7.08 4.23 38.59
C GLY B 165 -7.58 3.94 37.18
N THR B 166 -7.07 2.87 36.56
CA THR B 166 -7.56 2.51 35.23
C THR B 166 -8.45 1.28 35.32
N TYR B 167 -9.20 1.04 34.24
CA TYR B 167 -10.20 0.03 34.16
C TYR B 167 -10.59 0.06 32.70
N SER B 168 -11.42 -0.88 32.30
CA SER B 168 -11.89 -0.94 30.91
C SER B 168 -10.69 -1.11 29.95
N ILE B 169 -10.82 -0.66 28.71
CA ILE B 169 -9.92 -1.16 27.67
C ILE B 169 -9.34 -0.03 26.80
N ASP B 170 -8.57 -0.42 25.77
CA ASP B 170 -8.23 0.44 24.62
C ASP B 170 -7.48 1.73 24.97
N PRO B 171 -6.35 1.61 25.66
CA PRO B 171 -5.61 2.82 25.98
C PRO B 171 -5.06 3.55 24.74
N ALA B 172 -5.02 4.87 24.81
CA ALA B 172 -4.26 5.66 23.83
C ALA B 172 -3.48 6.72 24.60
N VAL B 173 -2.18 6.83 24.36
CA VAL B 173 -1.42 7.84 25.08
C VAL B 173 -1.02 8.97 24.16
N LEU B 174 -1.54 10.16 24.44
CA LEU B 174 -1.23 11.32 23.59
C LEU B 174 0.04 11.98 24.09
N ALA B 175 1.06 12.07 23.24
CA ALA B 175 2.22 12.89 23.59
C ALA B 175 1.93 14.29 23.13
N ASP B 176 1.47 15.15 24.03
CA ASP B 176 1.04 16.51 23.63
C ASP B 176 2.27 17.28 23.14
N ASP B 177 2.09 18.20 22.20
CA ASP B 177 3.20 19.08 21.74
C ASP B 177 3.83 19.84 22.89
N ASP B 178 3.06 20.09 23.94
CA ASP B 178 3.59 20.89 25.06
C ASP B 178 4.41 20.07 26.08
N GLY B 179 4.55 18.78 25.82
CA GLY B 179 5.38 17.92 26.63
C GLY B 179 4.63 17.02 27.62
N ALA B 180 3.35 17.29 27.83
CA ALA B 180 2.53 16.43 28.68
C ALA B 180 2.16 15.13 27.96
N HIS B 181 1.95 14.05 28.71
CA HIS B 181 1.35 12.83 28.14
C HIS B 181 -0.02 12.58 28.78
N TYR B 182 -1.01 12.22 27.97
CA TYR B 182 -2.33 11.92 28.53
C TYR B 182 -2.74 10.53 28.13
N LEU B 183 -3.28 9.78 29.07
CA LEU B 183 -3.85 8.46 28.78
C LEU B 183 -5.36 8.56 28.60
N TYR B 184 -5.85 8.22 27.40
CA TYR B 184 -7.26 8.04 27.12
C TYR B 184 -7.62 6.54 27.12
N PHE B 185 -8.82 6.19 27.57
CA PHE B 185 -9.19 4.77 27.61
C PHE B 185 -10.68 4.62 27.74
N GLY B 186 -11.16 3.41 27.42
CA GLY B 186 -12.57 3.05 27.58
C GLY B 186 -13.15 2.29 26.41
N GLY B 187 -14.09 1.41 26.72
CA GLY B 187 -14.89 0.73 25.70
C GLY B 187 -16.08 0.15 26.44
N ILE B 188 -17.26 0.31 25.86
CA ILE B 188 -18.45 -0.28 26.46
C ILE B 188 -18.65 -1.74 25.98
N TRP B 189 -19.82 -2.31 26.21
CA TRP B 189 -20.10 -3.73 25.96
C TRP B 189 -19.00 -4.59 26.62
N GLY B 190 -18.27 -5.38 25.80
CA GLY B 190 -17.21 -6.23 26.34
C GLY B 190 -16.10 -5.47 27.09
N GLY B 191 -15.99 -4.17 26.83
CA GLY B 191 -14.95 -3.35 27.41
C GLY B 191 -15.23 -2.91 28.85
N GLN B 192 -16.47 -3.06 29.30
CA GLN B 192 -16.91 -2.92 30.72
C GLN B 192 -16.99 -1.46 31.25
N LEU B 193 -16.70 -0.49 30.40
CA LEU B 193 -16.77 0.91 30.84
C LEU B 193 -18.14 1.25 31.44
N GLN B 194 -19.18 0.60 30.95
CA GLN B 194 -20.55 0.90 31.39
C GLN B 194 -20.82 0.57 32.87
N HIS B 195 -19.89 -0.13 33.50
CA HIS B 195 -20.00 -0.50 34.91
C HIS B 195 -19.33 0.48 35.87
N TYR B 196 -18.82 1.57 35.32
CA TYR B 196 -18.10 2.59 36.09
C TYR B 196 -18.79 3.93 36.01
N ARG B 197 -18.86 4.60 37.15
CA ARG B 197 -19.20 6.02 37.21
C ARG B 197 -18.21 6.68 38.15
N ASP B 198 -17.67 7.82 37.76
CA ASP B 198 -16.68 8.54 38.54
C ASP B 198 -15.53 7.66 39.02
N ASN B 199 -15.03 6.81 38.12
CA ASN B 199 -13.91 5.90 38.40
C ASN B 199 -14.19 4.78 39.41
N ALA B 200 -15.47 4.53 39.68
CA ALA B 200 -15.80 3.47 40.62
C ALA B 200 -16.74 2.45 40.01
N TYR B 201 -16.39 1.18 40.18
CA TYR B 201 -17.21 0.11 39.67
C TYR B 201 -18.46 -0.11 40.52
N ALA B 202 -19.58 -0.42 39.89
CA ALA B 202 -20.67 -1.08 40.60
C ALA B 202 -21.33 -2.11 39.69
N GLN B 203 -21.75 -3.23 40.25
CA GLN B 203 -22.34 -4.28 39.43
C GLN B 203 -23.66 -3.83 38.78
N THR B 204 -24.36 -2.90 39.41
CA THR B 204 -25.61 -2.46 38.83
C THR B 204 -25.48 -1.25 37.89
N HIS B 205 -24.28 -0.67 37.77
CA HIS B 205 -24.06 0.35 36.73
C HIS B 205 -24.18 -0.31 35.36
N GLN B 206 -25.02 0.24 34.49
CA GLN B 206 -25.20 -0.34 33.18
C GLN B 206 -25.08 0.75 32.11
N GLU B 207 -25.12 0.33 30.86
CA GLU B 207 -25.07 1.29 29.77
C GLU B 207 -26.30 2.19 29.84
N PRO B 208 -26.09 3.51 29.69
CA PRO B 208 -27.19 4.48 29.66
C PRO B 208 -28.03 4.21 28.43
N VAL B 209 -29.30 4.59 28.46
CA VAL B 209 -30.20 4.30 27.35
C VAL B 209 -31.01 5.54 27.00
N GLY B 210 -31.63 5.55 25.81
CA GLY B 210 -32.52 6.64 25.42
C GLY B 210 -31.88 8.01 25.44
N ASP B 211 -32.49 8.97 26.17
CA ASP B 211 -32.08 10.38 26.12
C ASP B 211 -31.00 10.67 27.14
N ALA B 212 -30.62 9.66 27.92
CA ALA B 212 -29.54 9.89 28.85
C ALA B 212 -28.30 10.16 28.05
N PRO B 213 -27.35 10.98 28.52
CA PRO B 213 -26.14 11.19 27.78
C PRO B 213 -25.35 9.87 27.67
N ALA B 214 -24.66 9.69 26.57
CA ALA B 214 -23.86 8.47 26.40
C ALA B 214 -22.58 8.59 27.21
N LEU B 215 -21.97 7.48 27.54
CA LEU B 215 -20.67 7.49 28.24
C LEU B 215 -19.60 7.94 27.24
N GLY B 216 -18.56 8.60 27.73
CA GLY B 216 -17.45 8.98 26.89
C GLY B 216 -16.24 8.25 27.39
N PRO B 217 -15.11 8.39 26.65
CA PRO B 217 -13.86 7.79 27.12
C PRO B 217 -13.38 8.56 28.36
N ARG B 218 -12.41 7.98 29.03
CA ARG B 218 -11.76 8.62 30.15
C ARG B 218 -10.43 9.23 29.76
N VAL B 219 -9.99 10.25 30.50
CA VAL B 219 -8.66 10.78 30.25
C VAL B 219 -8.00 11.14 31.55
N ALA B 220 -6.72 10.85 31.64
CA ALA B 220 -5.91 11.25 32.77
C ALA B 220 -4.52 11.63 32.32
N ARG B 221 -4.01 12.75 32.81
CA ARG B 221 -2.64 13.09 32.55
C ARG B 221 -1.79 12.04 33.22
N LEU B 222 -0.70 11.64 32.57
CA LEU B 222 0.25 10.71 33.14
C LEU B 222 1.31 11.40 33.95
N HIS B 223 1.73 10.72 35.01
CA HIS B 223 2.86 11.16 35.80
C HIS B 223 4.12 11.09 34.94
N GLU B 224 5.13 11.89 35.24
CA GLU B 224 6.38 11.88 34.45
C GLU B 224 7.11 10.53 34.41
N ARG B 225 6.89 9.70 35.44
CA ARG B 225 7.42 8.34 35.48
C ARG B 225 6.71 7.40 34.46
N MET B 226 5.57 7.87 33.95
CA MET B 226 4.80 7.18 32.89
C MET B 226 4.09 5.90 33.31
N ILE B 227 4.32 5.38 34.52
CA ILE B 227 3.65 4.13 34.89
C ILE B 227 2.53 4.36 35.90
N ASP B 228 2.26 5.62 36.21
CA ASP B 228 1.14 6.01 37.09
C ASP B 228 0.39 7.20 36.52
N LEU B 229 -0.88 7.34 36.89
CA LEU B 229 -1.64 8.54 36.54
C LEU B 229 -1.21 9.66 37.47
N ALA B 230 -1.23 10.89 36.96
CA ALA B 230 -1.00 12.10 37.78
C ALA B 230 -2.27 12.59 38.44
N GLU B 231 -3.42 12.09 38.00
CA GLU B 231 -4.72 12.53 38.49
C GLU B 231 -5.74 11.40 38.24
N PRO B 232 -6.86 11.38 38.98
CA PRO B 232 -7.96 10.45 38.68
C PRO B 232 -8.48 10.79 37.31
N SER B 233 -9.00 9.82 36.57
CA SER B 233 -9.43 10.13 35.20
C SER B 233 -10.73 10.90 35.24
N ARG B 234 -10.94 11.62 34.17
CA ARG B 234 -12.11 12.42 33.93
C ARG B 234 -12.89 11.92 32.74
N GLU B 235 -14.18 12.18 32.72
CA GLU B 235 -14.97 11.89 31.54
C GLU B 235 -14.69 12.88 30.43
N VAL B 236 -14.50 12.37 29.22
CA VAL B 236 -14.41 13.18 28.02
C VAL B 236 -15.80 13.29 27.41
N VAL B 237 -16.30 14.51 27.26
CA VAL B 237 -17.67 14.70 26.79
C VAL B 237 -17.64 14.99 25.30
N ILE B 238 -18.52 14.33 24.55
CA ILE B 238 -18.64 14.59 23.12
C ILE B 238 -20.00 15.24 22.87
N LEU B 239 -19.97 16.38 22.18
CA LEU B 239 -21.17 17.20 22.01
C LEU B 239 -21.64 17.12 20.57
N ASP B 240 -22.95 17.25 20.36
CA ASP B 240 -23.45 17.42 19.00
C ASP B 240 -23.24 18.85 18.52
N GLU B 241 -23.78 19.14 17.33
CA GLU B 241 -23.61 20.42 16.67
C GLU B 241 -24.17 21.59 17.48
N HIS B 242 -25.09 21.29 18.38
CA HIS B 242 -25.73 22.34 19.17
C HIS B 242 -25.19 22.46 20.59
N GLY B 243 -24.10 21.75 20.87
CA GLY B 243 -23.45 21.82 22.19
C GLY B 243 -24.09 20.93 23.24
N THR B 244 -24.91 19.98 22.79
CA THR B 244 -25.57 19.03 23.68
C THR B 244 -24.82 17.70 23.67
N PRO B 245 -24.53 17.13 24.87
CA PRO B 245 -23.91 15.80 24.91
C PRO B 245 -24.67 14.76 24.09
N LEU B 246 -23.90 13.94 23.37
CA LEU B 246 -24.51 12.89 22.56
C LEU B 246 -25.38 11.96 23.40
N ARG B 247 -26.54 11.61 22.85
CA ARG B 247 -27.46 10.68 23.49
C ARG B 247 -26.98 9.23 23.47
N ALA B 248 -27.32 8.50 24.53
CA ALA B 248 -27.02 7.07 24.61
C ALA B 248 -27.63 6.31 23.44
N ASP B 249 -28.76 6.79 22.93
CA ASP B 249 -29.40 6.05 21.85
C ASP B 249 -28.93 6.51 20.47
N ASP B 250 -28.01 7.46 20.41
CA ASP B 250 -27.44 7.94 19.15
C ASP B 250 -26.24 7.05 18.75
N HIS B 251 -26.53 5.82 18.34
CA HIS B 251 -25.45 4.85 18.11
C HIS B 251 -24.63 5.20 16.89
N ALA B 252 -25.17 6.06 16.03
CA ALA B 252 -24.38 6.47 14.87
C ALA B 252 -23.19 7.32 15.30
N ARG B 253 -23.26 7.96 16.47
CA ARG B 253 -22.24 8.94 16.78
C ARG B 253 -21.59 8.78 18.13
N ARG B 254 -22.30 8.17 19.08
CA ARG B 254 -21.76 8.13 20.43
C ARG B 254 -20.56 7.20 20.53
N PHE B 255 -19.71 7.49 21.52
CA PHE B 255 -18.50 6.70 21.75
C PHE B 255 -18.79 5.24 22.09
N PHE B 256 -18.08 4.33 21.42
CA PHE B 256 -18.16 2.91 21.76
C PHE B 256 -16.85 2.38 22.34
N GLU B 257 -15.73 2.54 21.61
CA GLU B 257 -14.42 2.16 22.13
C GLU B 257 -13.29 2.76 21.29
N GLY B 258 -12.05 2.48 21.69
CA GLY B 258 -10.88 2.80 20.89
C GLY B 258 -10.58 4.26 20.65
N PRO B 259 -10.54 5.06 21.73
CA PRO B 259 -10.23 6.49 21.54
C PRO B 259 -8.84 6.68 20.97
N TRP B 260 -8.66 7.74 20.17
CA TRP B 260 -7.34 8.14 19.70
C TRP B 260 -7.36 9.64 19.60
N VAL B 261 -6.26 10.30 19.97
CA VAL B 261 -6.21 11.74 19.86
C VAL B 261 -4.98 12.15 19.07
N HIS B 262 -5.18 13.03 18.09
CA HIS B 262 -4.04 13.68 17.45
C HIS B 262 -4.23 15.19 17.45
N GLN B 263 -3.12 15.88 17.27
CA GLN B 263 -3.07 17.34 17.25
C GLN B 263 -2.82 17.79 15.82
N HIS B 264 -3.66 18.69 15.35
CA HIS B 264 -3.48 19.28 14.03
C HIS B 264 -4.06 20.68 14.01
N ALA B 265 -3.28 21.65 13.52
CA ALA B 265 -3.78 23.01 13.31
C ALA B 265 -4.41 23.60 14.55
N GLY B 266 -3.72 23.44 15.67
CA GLY B 266 -4.19 23.91 16.96
C GLY B 266 -5.44 23.35 17.56
N ARG B 267 -5.86 22.20 17.07
CA ARG B 267 -6.98 21.55 17.69
C ARG B 267 -6.58 20.13 18.11
N TYR B 268 -7.36 19.59 19.02
CA TYR B 268 -7.27 18.20 19.40
C TYR B 268 -8.36 17.45 18.66
N TYR B 269 -7.98 16.38 17.98
CA TYR B 269 -8.93 15.52 17.29
C TYR B 269 -9.10 14.22 18.05
N LEU B 270 -10.30 13.99 18.55
CA LEU B 270 -10.65 12.74 19.24
C LEU B 270 -11.35 11.86 18.22
N SER B 271 -10.77 10.70 17.91
CA SER B 271 -11.48 9.79 17.02
C SER B 271 -11.70 8.44 17.74
N TYR B 272 -12.65 7.65 17.26
CA TYR B 272 -13.15 6.51 18.02
C TYR B 272 -14.10 5.65 17.18
N SER B 273 -14.23 4.39 17.60
CA SER B 273 -15.18 3.48 17.04
C SER B 273 -16.56 3.71 17.63
N THR B 274 -17.60 3.56 16.81
CA THR B 274 -19.00 3.61 17.26
C THR B 274 -19.63 2.21 17.44
N GLY B 275 -18.84 1.17 17.26
CA GLY B 275 -19.31 -0.16 17.61
C GLY B 275 -20.39 -0.73 16.70
N ASP B 276 -21.64 -0.73 17.18
CA ASP B 276 -22.70 -1.42 16.44
C ASP B 276 -23.11 -0.65 15.19
N THR B 277 -22.55 0.55 14.97
CA THR B 277 -22.81 1.22 13.69
C THR B 277 -21.56 1.27 12.79
N HIS B 278 -20.49 0.65 13.29
CA HIS B 278 -19.30 0.31 12.49
C HIS B 278 -18.57 1.48 11.85
N ARG B 279 -18.54 2.62 12.52
CA ARG B 279 -17.84 3.79 12.02
C ARG B 279 -16.66 4.16 12.91
N ILE B 280 -15.64 4.76 12.31
CA ILE B 280 -14.71 5.61 13.06
C ILE B 280 -15.20 7.03 12.84
N CYS B 281 -15.61 7.68 13.93
CA CYS B 281 -16.03 9.08 13.91
C CYS B 281 -14.99 9.98 14.56
N TYR B 282 -15.12 11.29 14.38
CA TYR B 282 -14.17 12.16 15.06
C TYR B 282 -14.86 13.43 15.53
N ALA B 283 -14.21 14.07 16.49
CA ALA B 283 -14.74 15.26 17.15
C ALA B 283 -13.54 16.13 17.49
N THR B 284 -13.73 17.44 17.65
CA THR B 284 -12.58 18.33 17.90
C THR B 284 -12.77 19.23 19.14
N SER B 285 -11.64 19.63 19.73
CA SER B 285 -11.66 20.50 20.91
C SER B 285 -10.40 21.34 20.97
N ASP B 286 -10.45 22.43 21.72
CA ASP B 286 -9.22 23.18 21.93
C ASP B 286 -8.48 22.67 23.18
N SER B 287 -9.06 21.68 23.84
CA SER B 287 -8.44 21.08 25.04
C SER B 287 -8.30 19.54 24.92
N PRO B 288 -7.21 18.97 25.46
CA PRO B 288 -7.16 17.49 25.48
C PRO B 288 -8.22 16.88 26.41
N TYR B 289 -8.78 17.70 27.31
CA TYR B 289 -9.85 17.24 28.18
C TYR B 289 -11.23 17.37 27.57
N GLY B 290 -11.32 18.00 26.41
CA GLY B 290 -12.62 18.24 25.84
C GLY B 290 -13.26 19.42 26.54
N PRO B 291 -14.58 19.60 26.37
CA PRO B 291 -15.49 18.81 25.54
C PRO B 291 -15.16 18.87 24.05
N PHE B 292 -15.44 17.77 23.37
CA PHE B 292 -15.16 17.66 21.95
C PHE B 292 -16.46 17.80 21.20
N THR B 293 -16.42 18.49 20.08
CA THR B 293 -17.63 18.62 19.28
C THR B 293 -17.58 17.65 18.10
N TYR B 294 -18.59 16.80 17.98
CA TYR B 294 -18.71 15.83 16.90
C TYR B 294 -18.57 16.53 15.56
N GLN B 295 -17.72 15.99 14.69
CA GLN B 295 -17.53 16.56 13.35
C GLN B 295 -18.13 15.63 12.29
N GLY B 296 -17.82 14.35 12.33
CA GLY B 296 -18.37 13.46 11.33
C GLY B 296 -17.68 12.11 11.26
N VAL B 297 -17.86 11.43 10.13
CA VAL B 297 -17.34 10.06 9.96
C VAL B 297 -16.01 10.07 9.26
N LEU B 298 -15.02 9.46 9.89
CA LEU B 298 -13.68 9.38 9.36
C LEU B 298 -13.47 8.11 8.49
N LEU B 299 -14.00 7.00 8.97
CA LEU B 299 -13.89 5.72 8.26
C LEU B 299 -15.23 5.03 8.17
N ALA B 300 -15.64 4.70 6.95
CA ALA B 300 -16.89 4.00 6.71
C ALA B 300 -16.73 2.54 7.11
N PRO B 301 -17.83 1.76 7.17
CA PRO B 301 -17.77 0.41 7.73
C PRO B 301 -16.77 -0.53 7.05
N VAL B 302 -16.00 -1.27 7.85
CA VAL B 302 -15.12 -2.32 7.34
C VAL B 302 -15.73 -3.71 7.48
N VAL B 303 -15.20 -4.62 6.68
CA VAL B 303 -15.51 -6.04 6.81
C VAL B 303 -15.07 -6.54 8.19
N GLY B 304 -15.94 -7.30 8.83
CA GLY B 304 -15.72 -7.83 10.18
C GLY B 304 -16.46 -6.89 11.12
N TRP B 305 -16.95 -7.38 12.26
CA TRP B 305 -17.79 -6.53 13.13
C TRP B 305 -17.04 -5.29 13.70
N THR B 306 -15.81 -5.47 14.14
CA THR B 306 -15.06 -4.42 14.84
C THR B 306 -14.41 -3.44 13.88
N THR B 307 -14.11 -2.25 14.37
CA THR B 307 -13.33 -1.29 13.63
C THR B 307 -12.46 -0.56 14.65
N HIS B 308 -11.21 -0.30 14.30
CA HIS B 308 -10.26 0.27 15.28
C HIS B 308 -9.14 0.90 14.50
N HIS B 309 -8.50 1.92 15.06
CA HIS B 309 -7.68 2.76 14.22
C HIS B 309 -6.69 3.59 15.01
N SER B 310 -5.78 4.22 14.26
CA SER B 310 -4.95 5.28 14.82
C SER B 310 -4.65 6.23 13.67
N ILE B 311 -4.20 7.44 14.01
CA ILE B 311 -3.93 8.46 13.02
C ILE B 311 -2.55 8.99 13.35
N CYS B 312 -1.65 8.95 12.38
CA CYS B 312 -0.25 9.26 12.68
C CYS B 312 0.39 10.05 11.53
N LEU B 313 1.17 11.06 11.88
CA LEU B 313 1.88 11.89 10.88
C LEU B 313 3.26 11.29 10.63
N PHE B 314 3.62 11.11 9.35
CA PHE B 314 4.90 10.48 9.00
C PHE B 314 5.49 11.30 7.87
N GLN B 315 6.56 12.01 8.22
CA GLN B 315 7.27 12.97 7.35
C GLN B 315 6.28 13.80 6.55
N GLN B 316 5.44 14.63 7.19
CA GLN B 316 4.46 15.57 6.60
C GLN B 316 3.20 14.97 5.91
N GLN B 317 3.05 13.65 5.87
CA GLN B 317 1.80 13.02 5.42
C GLN B 317 1.11 12.30 6.59
N TRP B 318 -0.16 12.62 6.81
CA TRP B 318 -0.97 11.94 7.83
C TRP B 318 -1.43 10.60 7.28
N TYR B 319 -1.49 9.57 8.13
CA TYR B 319 -2.03 8.29 7.69
C TYR B 319 -3.08 7.84 8.67
N LEU B 320 -4.09 7.16 8.14
CA LEU B 320 -5.03 6.39 8.95
C LEU B 320 -4.60 4.95 8.93
N PHE B 321 -4.46 4.38 10.11
CA PHE B 321 -4.24 2.95 10.27
C PHE B 321 -5.53 2.34 10.79
N TYR B 322 -5.93 1.21 10.22
CA TYR B 322 -7.20 0.61 10.63
C TYR B 322 -7.11 -0.88 10.39
N HIS B 323 -8.21 -1.60 10.61
CA HIS B 323 -8.16 -3.01 10.28
C HIS B 323 -9.44 -3.49 9.64
N ASP B 324 -9.39 -4.67 9.05
CA ASP B 324 -10.61 -5.34 8.66
C ASP B 324 -10.40 -6.84 8.61
N SER B 325 -11.44 -7.55 8.24
CA SER B 325 -11.44 -9.00 8.31
C SER B 325 -11.38 -9.66 6.93
N VAL B 326 -10.92 -8.91 5.95
CA VAL B 326 -10.89 -9.48 4.59
C VAL B 326 -9.91 -10.66 4.52
N LEU B 327 -8.73 -10.50 5.09
CA LEU B 327 -7.69 -11.54 5.05
C LEU B 327 -8.21 -12.90 5.48
N SER B 328 -9.12 -12.93 6.42
CA SER B 328 -9.55 -14.19 6.99
C SER B 328 -10.83 -14.66 6.32
N GLY B 329 -11.27 -13.96 5.29
CA GLY B 329 -12.49 -14.31 4.60
C GLY B 329 -13.73 -13.85 5.36
N GLY B 330 -13.57 -12.78 6.11
CA GLY B 330 -14.67 -12.14 6.80
C GLY B 330 -14.87 -12.58 8.24
N GLN B 331 -13.89 -13.24 8.83
CA GLN B 331 -14.04 -13.62 10.24
C GLN B 331 -13.74 -12.42 11.16
N THR B 332 -14.74 -12.06 11.95
CA THR B 332 -14.65 -10.90 12.80
C THR B 332 -13.44 -10.94 13.68
N HIS B 333 -13.08 -12.13 14.19
N HIS B 333 -13.09 -12.15 14.12
CA HIS B 333 -12.02 -12.21 15.19
CA HIS B 333 -12.11 -12.32 15.16
C HIS B 333 -10.65 -12.45 14.59
C HIS B 333 -10.71 -12.59 14.59
N LEU B 334 -10.57 -12.48 13.26
CA LEU B 334 -9.26 -12.65 12.61
C LEU B 334 -9.02 -11.53 11.59
N ARG B 335 -8.24 -10.53 12.01
CA ARG B 335 -8.16 -9.27 11.28
C ARG B 335 -6.76 -9.06 10.71
N SER B 336 -6.61 -8.02 9.90
CA SER B 336 -5.32 -7.54 9.44
C SER B 336 -5.36 -6.07 9.43
N ILE B 337 -4.26 -5.45 9.86
CA ILE B 337 -4.20 -4.01 9.82
C ILE B 337 -3.80 -3.49 8.44
N LYS B 338 -4.23 -2.27 8.19
CA LYS B 338 -4.11 -1.59 6.91
C LYS B 338 -3.78 -0.12 7.10
N MET B 339 -3.31 0.55 6.05
CA MET B 339 -3.08 1.99 6.18
C MET B 339 -3.52 2.70 4.92
N ALA B 340 -3.99 3.93 5.09
CA ALA B 340 -4.37 4.78 3.98
C ALA B 340 -4.00 6.24 4.26
N PRO B 341 -3.73 7.01 3.20
CA PRO B 341 -3.37 8.42 3.42
C PRO B 341 -4.60 9.19 3.85
N LEU B 342 -4.40 10.12 4.76
CA LEU B 342 -5.45 10.95 5.32
C LEU B 342 -5.11 12.42 5.09
N ALA B 343 -6.12 13.23 4.79
CA ALA B 343 -5.94 14.68 4.62
C ALA B 343 -6.91 15.51 5.46
N HIS B 344 -6.40 16.57 6.09
CA HIS B 344 -7.25 17.58 6.71
C HIS B 344 -7.55 18.68 5.69
N ALA B 345 -8.80 19.11 5.61
CA ALA B 345 -9.18 20.22 4.73
C ALA B 345 -8.83 21.56 5.38
N ALA B 346 -8.94 22.64 4.61
CA ALA B 346 -8.59 23.97 5.10
C ALA B 346 -9.43 24.36 6.31
N ASP B 347 -10.69 23.91 6.32
CA ASP B 347 -11.59 24.20 7.43
C ASP B 347 -11.43 23.23 8.61
N GLY B 348 -10.40 22.39 8.57
CA GLY B 348 -10.10 21.51 9.69
C GLY B 348 -10.73 20.14 9.66
N THR B 349 -11.70 19.93 8.77
CA THR B 349 -12.40 18.66 8.68
C THR B 349 -11.57 17.61 7.99
N ILE B 350 -11.95 16.35 8.20
CA ILE B 350 -11.32 15.23 7.54
C ILE B 350 -12.39 14.52 6.71
N ALA B 351 -12.16 14.34 5.41
CA ALA B 351 -13.19 13.67 4.60
C ALA B 351 -13.24 12.16 4.91
N THR B 352 -14.42 11.58 4.75
CA THR B 352 -14.60 10.17 5.04
C THR B 352 -13.71 9.32 4.15
N ILE B 353 -13.02 8.35 4.74
CA ILE B 353 -12.29 7.35 3.98
C ILE B 353 -13.19 6.12 3.78
N TYR B 354 -13.34 5.70 2.53
CA TYR B 354 -14.14 4.53 2.20
C TYR B 354 -13.22 3.38 1.89
N PRO B 355 -13.14 2.38 2.79
CA PRO B 355 -12.08 1.37 2.69
C PRO B 355 -12.21 0.43 1.48
N TYR B 356 -13.37 0.40 0.82
CA TYR B 356 -13.51 -0.41 -0.39
C TYR B 356 -13.97 0.48 -1.54
N GLY B 357 -13.77 1.78 -1.38
CA GLY B 357 -14.21 2.71 -2.39
C GLY B 357 -15.58 3.24 -2.05
N GLU B 358 -15.86 4.45 -2.52
CA GLU B 358 -17.11 5.10 -2.15
C GLU B 358 -18.33 4.42 -2.76
N ASP B 359 -18.12 3.72 -3.88
CA ASP B 359 -19.25 3.13 -4.62
C ASP B 359 -19.56 1.70 -4.17
N ALA B 360 -18.74 1.17 -3.27
CA ALA B 360 -18.94 -0.18 -2.76
C ALA B 360 -20.23 -0.29 -1.96
N VAL B 361 -20.79 -1.50 -1.91
CA VAL B 361 -21.92 -1.74 -1.02
C VAL B 361 -21.34 -1.95 0.37
N SER B 362 -21.72 -1.11 1.33
CA SER B 362 -21.17 -1.21 2.68
C SER B 362 -21.43 -2.59 3.27
N PRO B 363 -20.42 -3.16 3.96
CA PRO B 363 -20.62 -4.48 4.58
C PRO B 363 -21.55 -4.40 5.80
N TRP B 364 -21.84 -3.19 6.27
CA TRP B 364 -22.79 -3.01 7.38
C TRP B 364 -23.77 -1.89 7.05
#